data_8Y85
#
_entry.id   8Y85
#
_cell.length_a   1.00
_cell.length_b   1.00
_cell.length_c   1.00
_cell.angle_alpha   90.00
_cell.angle_beta   90.00
_cell.angle_gamma   90.00
#
_symmetry.space_group_name_H-M   'P 1'
#
loop_
_entity.id
_entity.type
_entity.pdbx_description
1 polymer 'Anion exchange protein 3'
2 non-polymer 'BICARBONATE ION'
3 non-polymer "2,2'-ethane-1,2-diylbis{5-[(sulfanylmethyl)amino]benzenesulfonic acid}"
#
_entity_poly.entity_id   1
_entity_poly.type   'polypeptide(L)'
_entity_poly.pdbx_seq_one_letter_code
;MANGVIPPPGGASPLPQVRVPLEEPPLSPDVEEEDDDLGKTLAVSRFGDLISKPPAWDPEKPSRSYSERDFEFHRHTSHH
THHPLSARLPPPHKLRRLPPTSARHTRRKRKKEKTSAPPSEGTPPIQEEGGAGVDEEEEEEEEEEGESEAEPVEPPHSGT
PQKAKFSIGSDEDDSPGLPGRAAVTKPLPSVGPHTDKSPQHSSSSPSPRARASRLAGEKSRPWSPSASYDLRERLCPGSA
LGNPGGPEQQVPTDEAEAQMLGSADLDDMKSHRLEDNPGVRRHLVKKPSRTQGGRGSPSGLAPILRRKKKKKKLDRRPHE
VFVELNELMLDRSQEPHWRETARWIKFEEDVEEETERWGKPHVASLSFRSLLELRRTIAHGAALLDLEQTTLPGIAHLVV
ETMIVSDQIRPEDRASVLRTLLLKHSHPNDDKDSGFFPRNPSSSSMNSVLGNHHPTPSHGPDGAVPTMADDLGEPAPLWP
HDPDAKEKPLHMPGGDGHRGKSLKLLEKIPEDAEATVVLVGCVPFLEQPAAAFVRLNEAVLLESVLEVPVPVRFLFVMLG
PSHTSTDYHELGRSIATLMSDKLFHEAAYQADDRQDLLSAISEFLDGSIVIPPSEVEGRDLLRSVAAFQRELLRKRRERE
QTKVEMTTRGGYTAPGKELSLELGGSEATPEDDPLLRTGSVFGGLVRDVRRRYPHYPSDLRDALHSQCVAAVLFIYFAAL
SPAITFGGLLGEKTEGLMGVSELIVSTAVLGVLFSLLGAQPLLVVGFSGPLLVFEEAFFKFCRAQDLEYLTGRVWVGLWL
VVFVLALVAAEGSFLVRYISPFTQEIFAFLISLIFIYETFYKLYKVFTEHPLLPFYPPEGALEGSLDAGLEPNGSALPPT
EGPPSPRNQPNTALLSLILMLGTFFIAFFLRKFRNSRFLGGKARRIIGDFGIPISILVMVLVDYSITDTYTQKLTVPTGL
SVTSPDKRSWFIPPLGSARPFPPWMMVAAAVPALLVLILIFMETQITALIVSQKARRLLKGSGFHLDLLLIGSLGGLCGL
FGLPWLTAATVRSVTHVNALTVMRTAIAPGDKPQIQEVREQRVTGVLIASLVGLSIVMGAVLRRIPLAVLFGIFLYMGVT
SLSGIQLSQRLLLILMPAKHHPEQPYVTKVKTWRMHLFTCIQLGCIALLWVVKSTAASLAFPFLLLLTVPLRHCLLPRLF
QDRELQALDSEDAEPNFDEDGQDEYNELHMPV
;
_entity_poly.pdbx_strand_id   A,B
#
loop_
_chem_comp.id
_chem_comp.type
_chem_comp.name
_chem_comp.formula
4KU non-polymer '2,2'-ethane-1,2-diylbis{5-[(sulfanylmethyl)amino]benzenesulfonic acid}' 'C16 H20 N2 O6 S4'
BCT non-polymer 'BICARBONATE ION' 'C H O3 -1'
#
# COMPACT_ATOMS: atom_id res chain seq x y z
N ASP A 673 12.07 -40.41 18.12
CA ASP A 673 13.41 -40.10 18.63
C ASP A 673 14.48 -40.34 17.57
N PRO A 674 14.55 -39.43 16.58
CA PRO A 674 15.54 -39.59 15.52
C PRO A 674 16.96 -39.19 15.91
N LEU A 675 17.13 -38.47 17.02
CA LEU A 675 18.43 -37.99 17.45
C LEU A 675 19.09 -38.89 18.50
N LEU A 676 18.48 -40.03 18.81
CA LEU A 676 19.05 -40.95 19.79
C LEU A 676 20.16 -41.78 19.16
N ARG A 677 21.23 -41.99 19.93
CA ARG A 677 22.35 -42.80 19.47
C ARG A 677 22.07 -44.27 19.70
N THR A 678 22.38 -45.09 18.69
CA THR A 678 22.11 -46.52 18.75
C THR A 678 23.34 -47.35 19.13
N GLY A 679 24.54 -46.88 18.83
CA GLY A 679 25.75 -47.62 19.13
C GLY A 679 26.24 -48.55 18.04
N SER A 680 25.55 -48.62 16.91
CA SER A 680 25.96 -49.46 15.79
C SER A 680 26.27 -48.60 14.58
N VAL A 681 27.22 -49.08 13.77
CA VAL A 681 27.65 -48.32 12.60
C VAL A 681 26.52 -48.22 11.59
N PHE A 682 26.34 -47.04 11.00
CA PHE A 682 25.32 -46.76 10.00
C PHE A 682 23.91 -46.99 10.53
N GLY A 683 23.75 -46.98 11.86
CA GLY A 683 22.43 -47.22 12.43
C GLY A 683 21.44 -46.11 12.12
N GLY A 684 21.87 -44.86 12.26
CA GLY A 684 20.96 -43.74 11.99
C GLY A 684 20.51 -43.68 10.54
N LEU A 685 21.44 -43.94 9.61
CA LEU A 685 21.07 -43.96 8.20
C LEU A 685 20.07 -45.08 7.90
N VAL A 686 20.28 -46.26 8.51
CA VAL A 686 19.37 -47.37 8.31
C VAL A 686 17.99 -47.02 8.86
N ARG A 687 17.94 -46.43 10.06
CA ARG A 687 16.66 -46.02 10.63
C ARG A 687 15.97 -44.99 9.75
N ASP A 688 16.72 -44.01 9.24
CA ASP A 688 16.13 -42.98 8.38
C ASP A 688 15.53 -43.60 7.12
N VAL A 689 16.29 -44.49 6.48
CA VAL A 689 15.80 -45.13 5.25
C VAL A 689 14.55 -45.95 5.54
N ARG A 690 14.59 -46.76 6.61
CA ARG A 690 13.45 -47.61 6.92
C ARG A 690 12.23 -46.79 7.31
N ARG A 691 12.43 -45.61 7.91
CA ARG A 691 11.31 -44.76 8.29
C ARG A 691 10.70 -44.05 7.08
N ARG A 692 11.54 -43.57 6.15
CA ARG A 692 11.04 -42.70 5.09
C ARG A 692 10.68 -43.43 3.80
N TYR A 693 11.48 -44.39 3.36
CA TYR A 693 11.32 -44.93 2.02
C TYR A 693 9.98 -45.63 1.76
N PRO A 694 9.34 -46.31 2.71
CA PRO A 694 8.05 -46.94 2.39
C PRO A 694 6.97 -45.97 1.90
N HIS A 695 7.04 -44.70 2.27
CA HIS A 695 6.04 -43.71 1.88
C HIS A 695 6.19 -43.24 0.43
N TYR A 696 7.00 -43.90 -0.38
CA TYR A 696 7.32 -43.41 -1.71
C TYR A 696 6.10 -43.29 -2.62
N PRO A 697 5.19 -44.28 -2.71
CA PRO A 697 3.99 -44.06 -3.53
C PRO A 697 3.15 -42.89 -3.06
N SER A 698 3.07 -42.67 -1.74
CA SER A 698 2.38 -41.50 -1.23
C SER A 698 3.08 -40.22 -1.67
N ASP A 699 4.41 -40.23 -1.67
CA ASP A 699 5.17 -39.06 -2.12
C ASP A 699 4.89 -38.76 -3.58
N LEU A 700 4.79 -39.79 -4.42
CA LEU A 700 4.50 -39.56 -5.83
C LEU A 700 3.05 -39.16 -6.06
N ARG A 701 2.14 -39.61 -5.20
CA ARG A 701 0.71 -39.38 -5.40
C ARG A 701 0.23 -38.05 -4.83
N ASP A 702 0.88 -37.53 -3.79
CA ASP A 702 0.41 -36.33 -3.12
C ASP A 702 0.44 -35.10 -4.03
N ALA A 703 1.26 -35.12 -5.08
CA ALA A 703 1.53 -33.91 -5.84
C ALA A 703 0.48 -33.59 -6.91
N LEU A 704 -0.62 -34.33 -6.96
CA LEU A 704 -1.67 -34.07 -7.96
C LEU A 704 -2.65 -33.06 -7.40
N HIS A 705 -2.36 -31.78 -7.59
CA HIS A 705 -3.25 -30.70 -7.20
C HIS A 705 -2.76 -29.41 -7.86
N SER A 706 -3.49 -28.32 -7.61
CA SER A 706 -3.19 -27.03 -8.23
C SER A 706 -2.23 -26.17 -7.40
N GLN A 707 -2.03 -26.49 -6.13
CA GLN A 707 -1.11 -25.70 -5.30
C GLN A 707 0.34 -26.01 -5.66
N CYS A 708 0.61 -27.24 -6.12
CA CYS A 708 1.97 -27.61 -6.49
C CYS A 708 2.46 -26.80 -7.67
N VAL A 709 1.58 -26.52 -8.64
CA VAL A 709 1.97 -25.73 -9.80
C VAL A 709 2.36 -24.32 -9.38
N ALA A 710 1.56 -23.71 -8.52
CA ALA A 710 1.89 -22.37 -8.03
C ALA A 710 3.19 -22.37 -7.25
N ALA A 711 3.41 -23.39 -6.41
CA ALA A 711 4.65 -23.48 -5.67
C ALA A 711 5.85 -23.61 -6.59
N VAL A 712 5.72 -24.43 -7.63
CA VAL A 712 6.81 -24.61 -8.59
C VAL A 712 7.11 -23.29 -9.30
N LEU A 713 6.06 -22.61 -9.76
CA LEU A 713 6.25 -21.35 -10.50
C LEU A 713 6.92 -20.30 -9.61
N PHE A 714 6.52 -20.22 -8.34
CA PHE A 714 7.11 -19.25 -7.44
C PHE A 714 8.56 -19.59 -7.12
N ILE A 715 8.83 -20.84 -6.72
CA ILE A 715 10.16 -21.19 -6.26
C ILE A 715 11.16 -21.27 -7.41
N TYR A 716 10.72 -21.50 -8.65
CA TYR A 716 11.64 -21.49 -9.78
C TYR A 716 12.27 -20.12 -9.95
N PHE A 717 11.44 -19.06 -9.90
CA PHE A 717 11.98 -17.71 -9.94
C PHE A 717 12.77 -17.40 -8.67
N ALA A 718 12.32 -17.92 -7.53
CA ALA A 718 13.05 -17.70 -6.29
C ALA A 718 14.46 -18.28 -6.34
N ALA A 719 14.64 -19.35 -7.11
CA ALA A 719 15.91 -20.08 -7.13
C ALA A 719 16.81 -19.74 -8.31
N LEU A 720 16.25 -19.34 -9.46
CA LEU A 720 17.08 -19.14 -10.65
C LEU A 720 17.98 -17.91 -10.52
N SER A 721 17.43 -16.80 -10.04
CA SER A 721 18.19 -15.55 -10.01
C SER A 721 19.43 -15.58 -9.11
N PRO A 722 19.40 -16.15 -7.89
CA PRO A 722 20.64 -16.22 -7.12
C PRO A 722 21.75 -16.97 -7.83
N ALA A 723 21.40 -17.96 -8.64
CA ALA A 723 22.43 -18.64 -9.44
C ALA A 723 23.10 -17.67 -10.40
N ILE A 724 22.33 -16.82 -11.07
CA ILE A 724 22.91 -15.85 -12.01
C ILE A 724 23.79 -14.85 -11.26
N THR A 725 23.28 -14.31 -10.15
CA THR A 725 24.04 -13.31 -9.41
C THR A 725 25.35 -13.87 -8.88
N PHE A 726 25.28 -15.06 -8.25
CA PHE A 726 26.49 -15.65 -7.69
C PHE A 726 27.42 -16.15 -8.77
N GLY A 727 26.90 -16.55 -9.93
CA GLY A 727 27.76 -16.89 -11.05
C GLY A 727 28.54 -15.70 -11.56
N GLY A 728 27.87 -14.55 -11.69
CA GLY A 728 28.59 -13.34 -12.06
C GLY A 728 29.66 -12.96 -11.04
N LEU A 729 29.30 -13.00 -9.76
CA LEU A 729 30.27 -12.67 -8.72
C LEU A 729 31.44 -13.66 -8.72
N LEU A 730 31.16 -14.95 -8.88
CA LEU A 730 32.21 -15.95 -8.91
C LEU A 730 33.13 -15.77 -10.10
N GLY A 731 32.56 -15.45 -11.27
CA GLY A 731 33.39 -15.17 -12.43
C GLY A 731 34.27 -13.95 -12.22
N GLU A 732 33.75 -12.93 -11.55
CA GLU A 732 34.58 -11.78 -11.23
C GLU A 732 35.72 -12.15 -10.27
N LYS A 733 35.42 -12.96 -9.25
CA LYS A 733 36.41 -13.23 -8.21
C LYS A 733 37.47 -14.23 -8.67
N THR A 734 37.09 -15.23 -9.47
CA THR A 734 37.99 -16.31 -9.84
C THR A 734 38.55 -16.18 -11.25
N GLU A 735 38.51 -14.97 -11.82
CA GLU A 735 39.11 -14.69 -13.13
C GLU A 735 38.54 -15.60 -14.22
N GLY A 736 37.24 -15.88 -14.13
CA GLY A 736 36.56 -16.62 -15.18
C GLY A 736 36.75 -18.11 -15.19
N LEU A 737 37.40 -18.68 -14.16
CA LEU A 737 37.56 -20.13 -14.12
C LEU A 737 36.22 -20.82 -13.82
N MET A 738 35.41 -20.22 -12.96
CA MET A 738 34.05 -20.68 -12.69
C MET A 738 33.08 -19.55 -12.95
N GLY A 739 31.95 -19.87 -13.60
CA GLY A 739 31.02 -18.85 -14.03
C GLY A 739 29.58 -19.22 -13.72
N VAL A 740 28.68 -18.81 -14.62
CA VAL A 740 27.25 -19.01 -14.41
C VAL A 740 26.82 -20.40 -14.85
N SER A 741 27.36 -20.90 -15.96
CA SER A 741 26.98 -22.20 -16.46
C SER A 741 27.38 -23.31 -15.49
N GLU A 742 28.55 -23.18 -14.88
CA GLU A 742 28.99 -24.16 -13.88
C GLU A 742 28.02 -24.22 -12.71
N LEU A 743 27.63 -23.04 -12.21
CA LEU A 743 26.71 -23.00 -11.08
C LEU A 743 25.35 -23.56 -11.46
N ILE A 744 24.87 -23.26 -12.67
CA ILE A 744 23.58 -23.78 -13.11
C ILE A 744 23.62 -25.29 -13.20
N VAL A 745 24.68 -25.85 -13.78
CA VAL A 745 24.79 -27.30 -13.91
C VAL A 745 24.84 -27.95 -12.54
N SER A 746 25.66 -27.41 -11.63
CA SER A 746 25.77 -27.95 -10.29
C SER A 746 24.43 -27.92 -9.57
N THR A 747 23.73 -26.78 -9.64
CA THR A 747 22.44 -26.65 -8.98
C THR A 747 21.45 -27.67 -9.51
N ALA A 748 21.34 -27.77 -10.83
CA ALA A 748 20.38 -28.69 -11.42
C ALA A 748 20.67 -30.14 -11.01
N VAL A 749 21.91 -30.58 -11.19
CA VAL A 749 22.24 -31.99 -10.93
C VAL A 749 22.06 -32.31 -9.45
N LEU A 750 22.62 -31.47 -8.57
CA LEU A 750 22.55 -31.76 -7.14
C LEU A 750 21.11 -31.69 -6.64
N GLY A 751 20.33 -30.72 -7.11
CA GLY A 751 18.94 -30.64 -6.69
C GLY A 751 18.13 -31.84 -7.13
N VAL A 752 18.31 -32.28 -8.37
CA VAL A 752 17.58 -33.44 -8.85
C VAL A 752 17.93 -34.67 -8.03
N LEU A 753 19.23 -34.90 -7.81
CA LEU A 753 19.65 -36.09 -7.06
C LEU A 753 19.15 -36.05 -5.62
N PHE A 754 19.27 -34.88 -4.96
CA PHE A 754 18.84 -34.78 -3.57
C PHE A 754 17.34 -34.95 -3.43
N SER A 755 16.57 -34.37 -4.36
CA SER A 755 15.12 -34.52 -4.28
C SER A 755 14.70 -35.96 -4.55
N LEU A 756 15.41 -36.66 -5.43
CA LEU A 756 15.06 -38.05 -5.70
C LEU A 756 15.43 -38.97 -4.55
N LEU A 757 16.56 -38.73 -3.89
CA LEU A 757 17.05 -39.67 -2.88
C LEU A 757 17.00 -39.16 -1.45
N GLY A 758 16.62 -37.91 -1.21
CA GLY A 758 16.67 -37.37 0.13
C GLY A 758 15.54 -37.87 1.01
N ALA A 759 15.77 -37.80 2.32
CA ALA A 759 14.75 -38.12 3.31
C ALA A 759 13.88 -36.93 3.66
N GLN A 760 14.31 -35.72 3.35
CA GLN A 760 13.53 -34.50 3.53
C GLN A 760 13.57 -33.76 2.19
N PRO A 761 12.72 -34.15 1.24
CA PRO A 761 12.82 -33.59 -0.11
C PRO A 761 12.27 -32.18 -0.24
N LEU A 762 11.96 -31.52 0.88
CA LEU A 762 11.47 -30.16 0.86
C LEU A 762 12.59 -29.13 1.02
N LEU A 763 13.83 -29.57 1.11
CA LEU A 763 14.97 -28.66 1.18
C LEU A 763 15.38 -28.25 -0.23
N VAL A 764 15.86 -27.01 -0.35
CA VAL A 764 16.32 -26.46 -1.62
C VAL A 764 17.81 -26.21 -1.50
N VAL A 765 18.58 -26.80 -2.42
CA VAL A 765 20.04 -26.71 -2.39
C VAL A 765 20.48 -25.60 -3.35
N GLY A 766 21.54 -24.89 -2.97
CA GLY A 766 22.06 -23.83 -3.82
C GLY A 766 23.25 -23.17 -3.16
N PHE A 767 23.84 -22.24 -3.91
CA PHE A 767 25.01 -21.50 -3.46
C PHE A 767 24.60 -20.42 -2.45
N SER A 768 25.57 -20.02 -1.63
CA SER A 768 25.35 -19.00 -0.61
C SER A 768 26.61 -18.15 -0.46
N GLY A 769 26.51 -17.11 0.36
CA GLY A 769 27.58 -16.17 0.57
C GLY A 769 28.85 -16.72 1.21
N PRO A 770 28.71 -17.49 2.30
CA PRO A 770 29.90 -18.07 2.92
C PRO A 770 30.71 -18.97 1.98
N LEU A 771 30.03 -19.71 1.10
CA LEU A 771 30.75 -20.50 0.11
C LEU A 771 31.54 -19.60 -0.82
N LEU A 772 30.95 -18.47 -1.22
CA LEU A 772 31.66 -17.51 -2.06
C LEU A 772 32.89 -16.96 -1.35
N VAL A 773 32.76 -16.65 -0.05
CA VAL A 773 33.89 -16.14 0.72
C VAL A 773 35.00 -17.17 0.78
N PHE A 774 34.65 -18.43 1.03
CA PHE A 774 35.66 -19.49 1.08
C PHE A 774 36.34 -19.66 -0.27
N GLU A 775 35.56 -19.63 -1.36
CA GLU A 775 36.16 -19.77 -2.69
C GLU A 775 37.13 -18.65 -2.99
N GLU A 776 36.75 -17.41 -2.65
CA GLU A 776 37.63 -16.27 -2.89
C GLU A 776 38.92 -16.40 -2.08
N ALA A 777 38.81 -16.78 -0.80
CA ALA A 777 40.00 -16.94 0.04
C ALA A 777 40.90 -18.06 -0.49
N PHE A 778 40.30 -19.18 -0.91
CA PHE A 778 41.10 -20.27 -1.44
C PHE A 778 41.78 -19.88 -2.75
N PHE A 779 41.10 -19.10 -3.59
CA PHE A 779 41.73 -18.63 -4.81
C PHE A 779 42.91 -17.72 -4.50
N LYS A 780 42.76 -16.83 -3.51
CA LYS A 780 43.89 -16.00 -3.11
C LYS A 780 45.06 -16.84 -2.62
N PHE A 781 44.77 -17.86 -1.79
CA PHE A 781 45.84 -18.70 -1.28
C PHE A 781 46.54 -19.46 -2.41
N CYS A 782 45.76 -20.00 -3.36
CA CYS A 782 46.36 -20.73 -4.47
C CYS A 782 47.21 -19.82 -5.35
N ARG A 783 46.73 -18.61 -5.61
CA ARG A 783 47.50 -17.68 -6.43
C ARG A 783 48.78 -17.25 -5.72
N ALA A 784 48.72 -17.03 -4.40
CA ALA A 784 49.90 -16.59 -3.67
C ALA A 784 50.99 -17.66 -3.64
N GLN A 785 50.60 -18.92 -3.52
CA GLN A 785 51.55 -20.02 -3.38
C GLN A 785 51.96 -20.64 -4.71
N ASP A 786 51.50 -20.10 -5.84
CA ASP A 786 51.83 -20.62 -7.17
C ASP A 786 51.37 -22.06 -7.32
N LEU A 787 50.07 -22.27 -7.14
CA LEU A 787 49.46 -23.58 -7.27
C LEU A 787 48.27 -23.49 -8.22
N GLU A 788 47.86 -24.64 -8.74
CA GLU A 788 46.65 -24.70 -9.55
C GLU A 788 45.41 -24.69 -8.67
N TYR A 789 44.39 -23.99 -9.12
CA TYR A 789 43.17 -23.79 -8.32
C TYR A 789 42.28 -25.03 -8.35
N LEU A 790 42.02 -25.55 -9.55
CA LEU A 790 41.04 -26.63 -9.70
C LEU A 790 41.57 -27.96 -9.14
N THR A 791 42.87 -28.22 -9.24
CA THR A 791 43.43 -29.43 -8.64
C THR A 791 43.33 -29.38 -7.12
N GLY A 792 43.63 -28.22 -6.53
CA GLY A 792 43.43 -28.06 -5.10
C GLY A 792 41.98 -28.26 -4.70
N ARG A 793 41.05 -27.74 -5.51
CA ARG A 793 39.64 -27.97 -5.23
C ARG A 793 39.29 -29.45 -5.31
N VAL A 794 39.89 -30.17 -6.26
CA VAL A 794 39.65 -31.61 -6.39
C VAL A 794 40.07 -32.34 -5.12
N TRP A 795 41.28 -32.05 -4.64
CA TRP A 795 41.76 -32.74 -3.45
C TRP A 795 40.98 -32.33 -2.20
N VAL A 796 40.56 -31.07 -2.13
CA VAL A 796 39.69 -30.64 -1.03
C VAL A 796 38.39 -31.42 -1.04
N GLY A 797 37.81 -31.61 -2.23
CA GLY A 797 36.58 -32.38 -2.32
C GLY A 797 36.75 -33.82 -1.90
N LEU A 798 37.86 -34.44 -2.30
CA LEU A 798 38.12 -35.82 -1.90
C LEU A 798 38.26 -35.94 -0.38
N TRP A 799 39.02 -35.03 0.23
CA TRP A 799 39.17 -35.06 1.68
C TRP A 799 37.84 -34.78 2.38
N LEU A 800 37.01 -33.91 1.80
CA LEU A 800 35.68 -33.66 2.35
C LEU A 800 34.81 -34.91 2.30
N VAL A 801 34.88 -35.66 1.20
CA VAL A 801 34.14 -36.91 1.10
C VAL A 801 34.58 -37.88 2.18
N VAL A 802 35.89 -38.00 2.38
CA VAL A 802 36.41 -38.91 3.40
C VAL A 802 35.92 -38.48 4.79
N PHE A 803 36.02 -37.19 5.09
CA PHE A 803 35.60 -36.69 6.40
C PHE A 803 34.11 -36.89 6.63
N VAL A 804 33.29 -36.63 5.61
CA VAL A 804 31.85 -36.79 5.76
C VAL A 804 31.49 -38.24 5.99
N LEU A 805 32.12 -39.16 5.24
CA LEU A 805 31.86 -40.58 5.45
C LEU A 805 32.25 -41.01 6.86
N ALA A 806 33.42 -40.55 7.34
CA ALA A 806 33.86 -40.90 8.69
C ALA A 806 32.90 -40.35 9.74
N LEU A 807 32.45 -39.11 9.57
CA LEU A 807 31.54 -38.50 10.54
C LEU A 807 30.20 -39.22 10.57
N VAL A 808 29.66 -39.57 9.40
CA VAL A 808 28.37 -40.25 9.36
C VAL A 808 28.49 -41.65 9.96
N ALA A 809 29.63 -42.33 9.73
CA ALA A 809 29.80 -43.69 10.23
C ALA A 809 29.78 -43.75 11.75
N ALA A 810 30.22 -42.69 12.44
CA ALA A 810 30.32 -42.69 13.88
C ALA A 810 29.08 -42.11 14.57
N GLU A 811 27.99 -41.93 13.83
CA GLU A 811 26.74 -41.37 14.37
C GLU A 811 26.98 -39.98 14.96
N GLY A 812 27.83 -39.19 14.30
CA GLY A 812 28.13 -37.85 14.78
C GLY A 812 27.00 -36.86 14.61
N SER A 813 25.90 -37.26 13.95
CA SER A 813 24.77 -36.39 13.74
C SER A 813 23.82 -36.33 14.93
N PHE A 814 24.24 -36.80 16.10
CA PHE A 814 23.41 -36.71 17.30
C PHE A 814 23.70 -35.47 18.13
N LEU A 815 24.69 -34.66 17.73
CA LEU A 815 24.95 -33.39 18.40
C LEU A 815 23.90 -32.34 18.10
N VAL A 816 22.99 -32.61 17.16
CA VAL A 816 21.93 -31.67 16.80
C VAL A 816 20.98 -31.40 17.95
N ARG A 817 20.86 -32.33 18.89
CA ARG A 817 19.99 -32.11 20.04
C ARG A 817 20.50 -31.01 20.97
N TYR A 818 21.77 -30.61 20.83
CA TYR A 818 22.33 -29.52 21.63
C TYR A 818 22.05 -28.14 21.05
N ILE A 819 21.37 -28.05 19.91
CA ILE A 819 21.08 -26.79 19.25
C ILE A 819 19.70 -26.34 19.69
N SER A 820 19.66 -25.40 20.64
CA SER A 820 18.42 -24.87 21.18
C SER A 820 17.81 -23.85 20.23
N PRO A 821 16.53 -23.51 20.42
CA PRO A 821 15.91 -22.46 19.58
C PRO A 821 16.59 -21.10 19.69
N PHE A 822 17.41 -20.89 20.72
CA PHE A 822 18.28 -19.71 20.78
C PHE A 822 19.06 -19.53 19.47
N THR A 823 19.88 -20.53 19.14
CA THR A 823 20.73 -20.46 17.95
C THR A 823 19.91 -20.44 16.67
N GLN A 824 18.84 -21.23 16.61
CA GLN A 824 18.00 -21.27 15.41
C GLN A 824 17.38 -19.91 15.14
N GLU A 825 16.85 -19.27 16.18
CA GLU A 825 16.24 -17.95 16.01
C GLU A 825 17.27 -16.92 15.58
N ILE A 826 18.46 -16.94 16.21
CA ILE A 826 19.50 -16.00 15.83
C ILE A 826 19.87 -16.16 14.36
N PHE A 827 20.09 -17.41 13.93
CA PHE A 827 20.51 -17.68 12.56
C PHE A 827 19.44 -17.24 11.56
N ALA A 828 18.18 -17.63 11.79
CA ALA A 828 17.13 -17.29 10.85
C ALA A 828 16.92 -15.79 10.75
N PHE A 829 16.92 -15.09 11.90
CA PHE A 829 16.73 -13.66 11.88
C PHE A 829 17.85 -12.96 11.11
N LEU A 830 19.10 -13.36 11.36
CA LEU A 830 20.22 -12.74 10.65
C LEU A 830 20.14 -12.99 9.15
N ILE A 831 19.81 -14.22 8.75
CA ILE A 831 19.77 -14.55 7.33
C ILE A 831 18.69 -13.74 6.62
N SER A 832 17.50 -13.66 7.21
CA SER A 832 16.42 -12.89 6.57
C SER A 832 16.75 -11.41 6.51
N LEU A 833 17.37 -10.86 7.56
CA LEU A 833 17.74 -9.45 7.54
C LEU A 833 18.74 -9.16 6.43
N ILE A 834 19.74 -10.04 6.26
CA ILE A 834 20.74 -9.85 5.20
C ILE A 834 20.06 -9.91 3.82
N PHE A 835 19.16 -10.89 3.64
CA PHE A 835 18.42 -11.01 2.40
C PHE A 835 17.70 -9.70 2.06
N ILE A 836 17.00 -9.13 3.04
CA ILE A 836 16.25 -7.91 2.77
C ILE A 836 17.19 -6.75 2.42
N TYR A 837 18.32 -6.64 3.12
CA TYR A 837 19.22 -5.51 2.89
C TYR A 837 19.78 -5.51 1.46
N GLU A 838 20.01 -6.71 0.90
CA GLU A 838 20.62 -6.80 -0.44
C GLU A 838 19.71 -6.37 -1.59
N THR A 839 18.39 -6.59 -1.46
CA THR A 839 17.42 -6.13 -2.46
C THR A 839 17.41 -4.60 -2.58
N PHE A 840 17.40 -3.91 -1.44
CA PHE A 840 17.50 -2.46 -1.44
C PHE A 840 18.81 -1.95 -1.98
N TYR A 841 19.92 -2.64 -1.73
CA TYR A 841 21.17 -2.17 -2.35
C TYR A 841 21.17 -2.27 -3.88
N LYS A 842 20.57 -3.32 -4.41
CA LYS A 842 20.52 -3.46 -5.86
C LYS A 842 19.58 -2.42 -6.51
N LEU A 843 18.54 -1.94 -5.79
CA LEU A 843 17.82 -0.74 -6.29
C LEU A 843 18.63 0.55 -6.22
N TYR A 844 19.26 0.82 -5.07
CA TYR A 844 20.18 1.95 -4.96
C TYR A 844 21.18 2.02 -6.11
N LYS A 845 21.74 0.87 -6.49
CA LYS A 845 22.74 0.82 -7.54
C LYS A 845 22.13 1.13 -8.90
N VAL A 846 20.89 0.67 -9.15
CA VAL A 846 20.19 1.21 -10.31
C VAL A 846 20.21 2.74 -10.38
N PHE A 847 19.84 3.43 -9.28
CA PHE A 847 19.76 4.90 -9.29
C PHE A 847 21.11 5.56 -9.44
N THR A 848 22.17 4.94 -8.96
CA THR A 848 23.48 5.50 -9.24
C THR A 848 23.94 5.21 -10.67
N GLU A 849 23.50 4.10 -11.27
CA GLU A 849 23.74 3.85 -12.69
C GLU A 849 23.02 4.89 -13.56
N HIS A 850 21.80 5.25 -13.17
CA HIS A 850 20.94 6.14 -13.95
C HIS A 850 20.41 7.28 -13.09
N PRO A 851 21.24 8.27 -12.78
CA PRO A 851 20.80 9.37 -11.92
C PRO A 851 19.82 10.29 -12.63
N LEU A 852 19.06 11.04 -11.83
CA LEU A 852 18.11 12.01 -12.34
C LEU A 852 18.85 13.29 -12.70
N LEU A 853 18.90 13.63 -13.98
CA LEU A 853 19.68 14.76 -14.45
C LEU A 853 18.77 15.81 -15.09
N PRO A 854 19.13 17.09 -14.98
CA PRO A 854 18.32 18.13 -15.64
C PRO A 854 18.30 18.02 -17.15
N PHE A 855 19.44 17.69 -17.75
CA PHE A 855 19.56 17.59 -19.21
C PHE A 855 20.14 16.23 -19.57
N TYR A 856 19.57 15.62 -20.61
CA TYR A 856 20.01 14.33 -21.10
C TYR A 856 20.43 14.46 -22.56
N PRO A 857 21.71 14.63 -22.85
CA PRO A 857 22.12 14.85 -24.23
C PRO A 857 22.04 13.56 -25.03
N PRO A 858 21.75 13.63 -26.32
CA PRO A 858 21.75 12.41 -27.14
C PRO A 858 23.13 11.80 -27.27
N GLU A 859 23.16 10.48 -27.38
CA GLU A 859 24.43 9.74 -27.47
C GLU A 859 25.16 10.06 -28.77
N PRO A 884 28.85 -2.99 -23.43
CA PRO A 884 28.46 -1.58 -23.39
C PRO A 884 27.02 -1.39 -22.92
N SER A 885 26.77 -1.64 -21.64
CA SER A 885 25.43 -1.46 -21.09
C SER A 885 25.05 0.02 -21.09
N PRO A 886 23.78 0.33 -21.32
CA PRO A 886 23.35 1.74 -21.31
C PRO A 886 23.57 2.38 -19.94
N ARG A 887 23.91 3.67 -19.98
CA ARG A 887 24.13 4.45 -18.77
C ARG A 887 23.54 5.84 -18.95
N ASN A 888 23.22 6.47 -17.83
CA ASN A 888 22.67 7.83 -17.81
C ASN A 888 21.41 7.93 -18.66
N GLN A 889 20.46 7.03 -18.41
CA GLN A 889 19.20 7.03 -19.13
C GLN A 889 18.09 7.67 -18.29
N PRO A 890 17.15 8.36 -18.92
CA PRO A 890 16.02 8.94 -18.18
C PRO A 890 14.89 7.95 -17.99
N ASN A 891 14.13 8.19 -16.92
CA ASN A 891 12.91 7.45 -16.59
C ASN A 891 13.15 5.98 -16.28
N THR A 892 14.38 5.61 -15.91
CA THR A 892 14.71 4.21 -15.64
C THR A 892 14.60 3.87 -14.17
N ALA A 893 15.25 4.65 -13.31
CA ALA A 893 15.27 4.34 -11.88
C ALA A 893 13.88 4.46 -11.27
N LEU A 894 13.14 5.52 -11.61
CA LEU A 894 11.81 5.70 -11.05
C LEU A 894 10.86 4.60 -11.52
N LEU A 895 10.97 4.19 -12.78
CA LEU A 895 10.16 3.09 -13.28
C LEU A 895 10.50 1.79 -12.58
N SER A 896 11.78 1.55 -12.30
CA SER A 896 12.17 0.36 -11.55
C SER A 896 11.58 0.37 -10.15
N LEU A 897 11.62 1.53 -9.48
CA LEU A 897 11.02 1.65 -8.16
C LEU A 897 9.52 1.37 -8.20
N ILE A 898 8.83 1.92 -9.21
CA ILE A 898 7.40 1.72 -9.35
C ILE A 898 7.08 0.24 -9.58
N LEU A 899 7.86 -0.43 -10.44
CA LEU A 899 7.62 -1.85 -10.70
C LEU A 899 7.83 -2.69 -9.45
N MET A 900 8.90 -2.42 -8.70
CA MET A 900 9.15 -3.13 -7.45
C MET A 900 7.97 -2.96 -6.48
N LEU A 901 7.58 -1.71 -6.23
CA LEU A 901 6.53 -1.45 -5.26
C LEU A 901 5.19 -2.05 -5.71
N GLY A 902 4.88 -1.95 -7.00
CA GLY A 902 3.65 -2.53 -7.49
C GLY A 902 3.60 -4.03 -7.34
N THR A 903 4.69 -4.72 -7.69
CA THR A 903 4.72 -6.18 -7.52
C THR A 903 4.53 -6.56 -6.05
N PHE A 904 5.26 -5.89 -5.16
CA PHE A 904 5.16 -6.20 -3.74
C PHE A 904 3.73 -5.99 -3.23
N PHE A 905 3.12 -4.86 -3.61
CA PHE A 905 1.80 -4.53 -3.07
C PHE A 905 0.72 -5.44 -3.64
N ILE A 906 0.81 -5.79 -4.93
CA ILE A 906 -0.17 -6.72 -5.49
C ILE A 906 -0.06 -8.08 -4.81
N ALA A 907 1.17 -8.56 -4.59
CA ALA A 907 1.34 -9.84 -3.90
C ALA A 907 0.75 -9.79 -2.50
N PHE A 908 1.03 -8.72 -1.74
CA PHE A 908 0.52 -8.62 -0.38
C PHE A 908 -1.00 -8.55 -0.36
N PHE A 909 -1.60 -7.76 -1.25
CA PHE A 909 -3.05 -7.63 -1.26
C PHE A 909 -3.71 -8.95 -1.63
N LEU A 910 -3.16 -9.66 -2.62
CA LEU A 910 -3.75 -10.93 -3.00
C LEU A 910 -3.59 -11.98 -1.91
N ARG A 911 -2.48 -11.92 -1.15
CA ARG A 911 -2.35 -12.81 0.00
C ARG A 911 -3.36 -12.49 1.08
N LYS A 912 -3.60 -11.21 1.34
CA LYS A 912 -4.61 -10.81 2.32
C LYS A 912 -6.02 -11.22 1.87
N PHE A 913 -6.27 -11.22 0.56
CA PHE A 913 -7.59 -11.54 0.04
C PHE A 913 -8.04 -12.96 0.37
N ARG A 914 -7.13 -13.83 0.79
CA ARG A 914 -7.48 -15.22 1.06
C ARG A 914 -8.51 -15.34 2.19
N ASN A 915 -8.31 -14.58 3.27
CA ASN A 915 -9.13 -14.71 4.47
C ASN A 915 -10.36 -13.82 4.44
N SER A 916 -10.65 -13.18 3.31
CA SER A 916 -11.83 -12.34 3.19
C SER A 916 -13.07 -13.21 3.00
N ARG A 917 -14.22 -12.55 2.82
CA ARG A 917 -15.49 -13.24 2.63
C ARG A 917 -16.06 -13.05 1.23
N PHE A 918 -15.30 -12.45 0.31
CA PHE A 918 -15.80 -12.19 -1.03
C PHE A 918 -15.64 -13.43 -1.90
N LEU A 919 -16.60 -13.62 -2.81
CA LEU A 919 -16.64 -14.76 -3.73
C LEU A 919 -16.74 -16.08 -2.98
N GLY A 920 -16.77 -17.19 -3.71
CA GLY A 920 -16.85 -18.49 -3.09
C GLY A 920 -15.54 -18.94 -2.47
N GLY A 921 -15.62 -20.06 -1.75
CA GLY A 921 -14.42 -20.61 -1.13
C GLY A 921 -13.41 -21.12 -2.14
N LYS A 922 -13.89 -21.82 -3.17
CA LYS A 922 -12.98 -22.36 -4.19
C LYS A 922 -12.28 -21.25 -4.95
N ALA A 923 -13.02 -20.20 -5.33
CA ALA A 923 -12.41 -19.07 -6.02
C ALA A 923 -11.38 -18.37 -5.13
N ARG A 924 -11.71 -18.21 -3.84
CA ARG A 924 -10.77 -17.61 -2.92
C ARG A 924 -9.48 -18.43 -2.82
N ARG A 925 -9.62 -19.75 -2.68
CA ARG A 925 -8.45 -20.61 -2.58
C ARG A 925 -7.61 -20.55 -3.84
N ILE A 926 -8.25 -20.61 -5.00
CA ILE A 926 -7.51 -20.59 -6.26
C ILE A 926 -6.78 -19.27 -6.46
N ILE A 927 -7.46 -18.15 -6.17
CA ILE A 927 -6.84 -16.84 -6.36
C ILE A 927 -5.70 -16.65 -5.38
N GLY A 928 -5.86 -17.10 -4.14
CA GLY A 928 -4.80 -16.94 -3.16
C GLY A 928 -3.62 -17.86 -3.41
N ASP A 929 -3.85 -18.99 -4.06
CA ASP A 929 -2.74 -19.87 -4.41
C ASP A 929 -1.80 -19.21 -5.42
N PHE A 930 -2.35 -18.51 -6.40
CA PHE A 930 -1.59 -17.96 -7.52
C PHE A 930 -1.37 -16.45 -7.40
N GLY A 931 -1.22 -15.94 -6.18
CA GLY A 931 -1.05 -14.50 -6.01
C GLY A 931 0.24 -13.96 -6.60
N ILE A 932 1.34 -14.68 -6.38
CA ILE A 932 2.66 -14.23 -6.81
C ILE A 932 2.82 -14.39 -8.33
N PRO A 933 2.41 -15.52 -8.94
CA PRO A 933 2.40 -15.56 -10.41
C PRO A 933 1.54 -14.47 -11.03
N ILE A 934 0.39 -14.16 -10.43
CA ILE A 934 -0.47 -13.11 -10.96
C ILE A 934 0.23 -11.75 -10.86
N SER A 935 0.88 -11.48 -9.72
CA SER A 935 1.60 -10.22 -9.58
C SER A 935 2.70 -10.11 -10.63
N ILE A 936 3.47 -11.17 -10.81
CA ILE A 936 4.58 -11.15 -11.76
C ILE A 936 4.05 -10.94 -13.18
N LEU A 937 2.99 -11.66 -13.55
CA LEU A 937 2.44 -11.51 -14.90
C LEU A 937 1.91 -10.11 -15.14
N VAL A 938 1.18 -9.56 -14.16
CA VAL A 938 0.61 -8.23 -14.33
C VAL A 938 1.71 -7.19 -14.48
N MET A 939 2.74 -7.26 -13.63
CA MET A 939 3.79 -6.25 -13.72
C MET A 939 4.65 -6.42 -14.97
N VAL A 940 4.85 -7.66 -15.43
CA VAL A 940 5.57 -7.87 -16.68
C VAL A 940 4.78 -7.30 -17.85
N LEU A 941 3.46 -7.49 -17.86
CA LEU A 941 2.62 -6.91 -18.90
C LEU A 941 2.68 -5.38 -18.85
N VAL A 942 2.63 -4.81 -17.65
CA VAL A 942 2.71 -3.35 -17.51
C VAL A 942 4.03 -2.83 -18.07
N ASP A 943 5.14 -3.51 -17.75
CA ASP A 943 6.43 -3.10 -18.28
C ASP A 943 6.50 -3.26 -19.80
N TYR A 944 5.89 -4.31 -20.33
CA TYR A 944 5.93 -4.54 -21.78
C TYR A 944 5.09 -3.51 -22.52
N SER A 945 4.02 -3.01 -21.90
CA SER A 945 3.18 -2.03 -22.57
C SER A 945 3.95 -0.75 -22.87
N ILE A 946 4.78 -0.30 -21.93
CA ILE A 946 5.61 0.89 -22.12
C ILE A 946 6.80 0.50 -22.98
N THR A 947 6.80 0.90 -24.25
CA THR A 947 7.99 0.73 -25.09
C THR A 947 8.46 2.12 -25.52
N ASP A 948 9.11 2.81 -24.58
CA ASP A 948 9.99 3.93 -24.86
C ASP A 948 11.23 3.96 -23.98
N THR A 949 11.19 3.31 -22.81
CA THR A 949 12.21 3.44 -21.77
C THR A 949 13.02 2.16 -21.67
N TYR A 950 14.27 2.30 -21.23
CA TYR A 950 15.16 1.17 -21.03
C TYR A 950 15.04 0.65 -19.61
N THR A 951 14.83 -0.66 -19.49
CA THR A 951 14.88 -1.36 -18.21
C THR A 951 15.78 -2.58 -18.37
N GLN A 952 16.50 -2.92 -17.30
CA GLN A 952 17.39 -4.07 -17.34
C GLN A 952 16.60 -5.35 -17.13
N LYS A 953 16.92 -6.37 -17.91
CA LYS A 953 16.15 -7.61 -17.96
C LYS A 953 17.05 -8.79 -17.66
N LEU A 954 16.42 -9.97 -17.51
CA LEU A 954 17.17 -11.18 -17.22
C LEU A 954 18.01 -11.62 -18.41
N THR A 955 19.26 -11.98 -18.13
CA THR A 955 20.15 -12.53 -19.14
C THR A 955 20.72 -13.85 -18.64
N VAL A 956 20.81 -14.83 -19.53
CA VAL A 956 21.35 -16.14 -19.20
C VAL A 956 22.32 -16.57 -20.30
N PRO A 957 23.39 -17.29 -19.97
CA PRO A 957 24.25 -17.82 -21.03
C PRO A 957 23.50 -18.81 -21.90
N THR A 958 23.83 -18.79 -23.20
CA THR A 958 23.19 -19.66 -24.17
C THR A 958 24.11 -20.83 -24.50
N GLY A 959 23.54 -22.02 -24.53
CA GLY A 959 24.30 -23.22 -24.81
C GLY A 959 24.97 -23.78 -23.57
N LEU A 960 25.33 -25.07 -23.65
CA LEU A 960 25.99 -25.77 -22.56
C LEU A 960 27.50 -25.78 -22.85
N SER A 961 28.19 -24.76 -22.34
CA SER A 961 29.63 -24.64 -22.54
C SER A 961 30.26 -24.02 -21.31
N VAL A 962 31.53 -24.33 -21.08
CA VAL A 962 32.26 -23.77 -19.96
C VAL A 962 32.51 -22.29 -20.19
N THR A 963 32.64 -21.53 -19.10
CA THR A 963 32.75 -20.08 -19.19
C THR A 963 33.99 -19.67 -19.99
N SER A 964 35.13 -20.31 -19.73
CA SER A 964 36.39 -20.02 -20.42
C SER A 964 36.91 -21.30 -21.06
N PRO A 965 36.50 -21.60 -22.29
CA PRO A 965 36.92 -22.85 -22.93
C PRO A 965 38.42 -22.95 -23.17
N ASP A 966 39.12 -21.82 -23.29
CA ASP A 966 40.55 -21.87 -23.55
C ASP A 966 41.35 -22.25 -22.30
N LYS A 967 40.92 -21.76 -21.14
CA LYS A 967 41.67 -22.00 -19.91
C LYS A 967 41.49 -23.40 -19.36
N ARG A 968 40.33 -24.02 -19.56
CA ARG A 968 40.03 -25.29 -18.92
C ARG A 968 38.98 -26.03 -19.73
N SER A 969 38.79 -27.30 -19.37
CA SER A 969 37.75 -28.16 -19.94
C SER A 969 36.80 -28.59 -18.81
N TRP A 970 35.89 -29.51 -19.15
CA TRP A 970 34.92 -29.96 -18.16
C TRP A 970 35.53 -30.86 -17.10
N PHE A 971 36.51 -31.68 -17.48
CA PHE A 971 37.14 -32.62 -16.56
C PHE A 971 38.48 -32.05 -16.11
N ILE A 972 38.75 -32.12 -14.81
CA ILE A 972 39.98 -31.61 -14.22
C ILE A 972 40.83 -32.81 -13.81
N PRO A 973 41.99 -33.03 -14.43
CA PRO A 973 42.87 -34.13 -14.00
C PRO A 973 43.34 -33.92 -12.57
N PRO A 974 43.31 -34.98 -11.75
CA PRO A 974 43.72 -34.82 -10.35
C PRO A 974 45.22 -34.75 -10.15
N LEU A 975 46.02 -35.15 -11.14
CA LEU A 975 47.48 -35.13 -11.02
C LEU A 975 48.12 -33.92 -11.66
N GLY A 976 47.34 -33.01 -12.21
CA GLY A 976 47.87 -31.79 -12.81
C GLY A 976 47.84 -31.84 -14.32
N SER A 977 47.52 -30.71 -14.94
CA SER A 977 47.46 -30.60 -16.40
C SER A 977 48.77 -30.07 -16.98
N ALA A 978 49.19 -28.88 -16.54
CA ALA A 978 50.41 -28.28 -17.04
C ALA A 978 51.61 -28.50 -16.13
N ARG A 979 51.39 -28.59 -14.82
CA ARG A 979 52.46 -28.82 -13.87
C ARG A 979 52.11 -30.00 -12.96
N PRO A 980 53.11 -30.72 -12.47
CA PRO A 980 52.84 -31.75 -11.46
C PRO A 980 52.33 -31.11 -10.17
N PHE A 981 51.43 -31.81 -9.50
CA PHE A 981 50.88 -31.31 -8.25
C PHE A 981 51.74 -31.81 -7.09
N PRO A 982 52.30 -30.93 -6.28
CA PRO A 982 53.18 -31.36 -5.19
C PRO A 982 52.42 -32.17 -4.16
N PRO A 983 53.01 -33.27 -3.67
CA PRO A 983 52.30 -34.10 -2.68
C PRO A 983 52.01 -33.41 -1.36
N TRP A 984 52.76 -32.37 -1.00
CA TRP A 984 52.52 -31.73 0.28
C TRP A 984 51.15 -31.04 0.32
N MET A 985 50.74 -30.44 -0.80
CA MET A 985 49.37 -29.93 -0.90
C MET A 985 48.36 -31.07 -0.89
N MET A 986 48.71 -32.19 -1.54
CA MET A 986 47.84 -33.36 -1.53
C MET A 986 47.53 -33.80 -0.11
N VAL A 987 48.53 -33.74 0.77
CA VAL A 987 48.33 -34.12 2.17
C VAL A 987 47.62 -33.01 2.94
N ALA A 988 48.04 -31.76 2.72
CA ALA A 988 47.56 -30.63 3.53
C ALA A 988 46.20 -30.10 3.10
N ALA A 989 45.59 -30.67 2.07
CA ALA A 989 44.24 -30.21 1.69
C ALA A 989 43.16 -30.59 2.73
N ALA A 990 43.50 -31.12 3.89
CA ALA A 990 42.49 -31.52 4.86
C ALA A 990 41.85 -30.32 5.57
N VAL A 991 42.63 -29.28 5.87
CA VAL A 991 42.09 -28.16 6.63
C VAL A 991 41.00 -27.42 5.87
N PRO A 992 41.17 -27.03 4.60
CA PRO A 992 40.03 -26.44 3.87
C PRO A 992 38.85 -27.38 3.77
N ALA A 993 39.09 -28.69 3.66
CA ALA A 993 38.00 -29.65 3.68
C ALA A 993 37.28 -29.61 5.02
N LEU A 994 38.03 -29.46 6.12
CA LEU A 994 37.40 -29.33 7.43
C LEU A 994 36.54 -28.08 7.51
N LEU A 995 37.03 -26.96 6.98
CA LEU A 995 36.24 -25.73 6.99
C LEU A 995 34.96 -25.88 6.18
N VAL A 996 35.06 -26.48 4.99
CA VAL A 996 33.88 -26.70 4.15
C VAL A 996 32.90 -27.63 4.85
N LEU A 997 33.41 -28.67 5.52
CA LEU A 997 32.54 -29.59 6.25
C LEU A 997 31.80 -28.86 7.36
N ILE A 998 32.49 -28.00 8.11
CA ILE A 998 31.85 -27.26 9.18
C ILE A 998 30.76 -26.35 8.62
N LEU A 999 31.08 -25.65 7.54
CA LEU A 999 30.10 -24.74 6.93
C LEU A 999 28.84 -25.50 6.48
N ILE A 1000 29.04 -26.56 5.69
CA ILE A 1000 27.91 -27.30 5.15
C ILE A 1000 27.10 -27.94 6.26
N PHE A 1001 27.77 -28.54 7.25
CA PHE A 1001 27.08 -29.17 8.36
C PHE A 1001 26.22 -28.16 9.10
N MET A 1002 26.80 -27.02 9.49
CA MET A 1002 26.04 -26.06 10.27
C MET A 1002 24.83 -25.56 9.48
N GLU A 1003 25.04 -25.19 8.20
CA GLU A 1003 23.94 -24.66 7.42
C GLU A 1003 22.83 -25.68 7.23
N THR A 1004 23.17 -26.89 6.76
CA THR A 1004 22.15 -27.90 6.48
C THR A 1004 21.43 -28.33 7.75
N GLN A 1005 22.16 -28.53 8.85
CA GLN A 1005 21.53 -29.00 10.07
C GLN A 1005 20.63 -27.95 10.68
N ILE A 1006 21.03 -26.68 10.66
CA ILE A 1006 20.16 -25.64 11.20
C ILE A 1006 18.91 -25.49 10.33
N THR A 1007 19.07 -25.55 9.01
CA THR A 1007 17.90 -25.48 8.14
C THR A 1007 16.94 -26.64 8.38
N ALA A 1008 17.48 -27.85 8.55
CA ALA A 1008 16.63 -29.01 8.80
C ALA A 1008 15.94 -28.92 10.15
N LEU A 1009 16.63 -28.36 11.16
CA LEU A 1009 16.00 -28.14 12.45
C LEU A 1009 14.84 -27.17 12.33
N ILE A 1010 15.05 -26.05 11.63
CA ILE A 1010 14.00 -25.04 11.52
C ILE A 1010 12.81 -25.59 10.74
N VAL A 1011 13.05 -26.32 9.65
CA VAL A 1011 11.96 -26.78 8.80
C VAL A 1011 11.07 -27.77 9.54
N SER A 1012 11.67 -28.68 10.32
CA SER A 1012 10.95 -29.78 10.93
C SER A 1012 10.43 -29.46 12.33
N GLN A 1013 10.10 -28.19 12.61
CA GLN A 1013 9.57 -27.83 13.91
C GLN A 1013 8.17 -28.43 14.10
N LYS A 1014 7.80 -28.60 15.38
CA LYS A 1014 6.56 -29.31 15.70
C LYS A 1014 5.33 -28.49 15.33
N ALA A 1015 5.42 -27.16 15.34
CA ALA A 1015 4.28 -26.32 15.02
C ALA A 1015 3.96 -26.28 13.53
N ARG A 1016 4.84 -26.80 12.68
CA ARG A 1016 4.66 -26.72 11.23
C ARG A 1016 3.98 -27.96 10.64
N ARG A 1017 3.61 -28.93 11.47
CA ARG A 1017 2.87 -30.12 11.03
C ARG A 1017 3.63 -30.91 9.98
N LEU A 1018 4.79 -31.43 10.37
CA LEU A 1018 5.59 -32.31 9.53
C LEU A 1018 5.34 -33.76 9.99
N LEU A 1019 4.88 -34.60 9.06
CA LEU A 1019 4.37 -35.92 9.41
C LEU A 1019 5.20 -37.06 8.84
N LYS A 1020 5.50 -37.03 7.54
CA LYS A 1020 6.10 -38.19 6.88
C LYS A 1020 7.44 -38.57 7.49
N GLY A 1021 8.14 -37.63 8.10
CA GLY A 1021 9.40 -37.93 8.74
C GLY A 1021 10.47 -36.87 8.51
N SER A 1022 11.64 -37.06 9.10
CA SER A 1022 12.74 -36.12 8.98
C SER A 1022 14.04 -36.88 8.77
N GLY A 1023 14.99 -36.24 8.12
CA GLY A 1023 16.27 -36.85 7.85
C GLY A 1023 17.45 -36.04 8.37
N PHE A 1024 18.18 -36.59 9.34
CA PHE A 1024 19.35 -35.94 9.89
C PHE A 1024 20.65 -36.67 9.55
N HIS A 1025 20.58 -37.89 9.05
CA HIS A 1025 21.74 -38.67 8.68
C HIS A 1025 21.88 -38.86 7.17
N LEU A 1026 20.77 -39.06 6.47
CA LEU A 1026 20.84 -39.30 5.03
C LEU A 1026 21.14 -38.02 4.26
N ASP A 1027 20.52 -36.91 4.65
CA ASP A 1027 20.70 -35.66 3.92
C ASP A 1027 22.14 -35.17 4.01
N LEU A 1028 22.75 -35.26 5.19
CA LEU A 1028 24.13 -34.82 5.35
C LEU A 1028 25.07 -35.65 4.49
N LEU A 1029 24.90 -36.97 4.51
CA LEU A 1029 25.75 -37.83 3.69
C LEU A 1029 25.58 -37.54 2.21
N LEU A 1030 24.33 -37.39 1.76
CA LEU A 1030 24.07 -37.09 0.35
C LEU A 1030 24.76 -35.80 -0.06
N ILE A 1031 24.53 -34.72 0.71
CA ILE A 1031 25.09 -33.42 0.34
C ILE A 1031 26.60 -33.46 0.36
N GLY A 1032 27.19 -34.05 1.40
CA GLY A 1032 28.65 -34.09 1.49
C GLY A 1032 29.27 -34.89 0.36
N SER A 1033 28.73 -36.07 0.07
CA SER A 1033 29.30 -36.90 -1.00
C SER A 1033 29.15 -36.22 -2.36
N LEU A 1034 27.99 -35.64 -2.64
CA LEU A 1034 27.80 -34.99 -3.92
C LEU A 1034 28.70 -33.76 -4.06
N GLY A 1035 28.85 -32.97 -3.00
CA GLY A 1035 29.76 -31.85 -3.05
C GLY A 1035 31.20 -32.27 -3.26
N GLY A 1036 31.63 -33.32 -2.56
CA GLY A 1036 32.99 -33.80 -2.75
C GLY A 1036 33.24 -34.31 -4.16
N LEU A 1037 32.27 -35.03 -4.72
CA LEU A 1037 32.41 -35.51 -6.09
C LEU A 1037 32.33 -34.38 -7.12
N CYS A 1038 31.67 -33.27 -6.78
CA CYS A 1038 31.58 -32.15 -7.71
C CYS A 1038 32.93 -31.50 -7.99
N GLY A 1039 33.91 -31.68 -7.09
CA GLY A 1039 35.20 -31.04 -7.29
C GLY A 1039 35.94 -31.52 -8.51
N LEU A 1040 35.80 -32.80 -8.86
CA LEU A 1040 36.50 -33.37 -10.01
C LEU A 1040 36.12 -32.69 -11.32
N PHE A 1041 34.93 -32.10 -11.41
CA PHE A 1041 34.45 -31.46 -12.62
C PHE A 1041 34.50 -29.94 -12.54
N GLY A 1042 35.17 -29.39 -11.53
CA GLY A 1042 35.29 -27.94 -11.40
C GLY A 1042 33.98 -27.24 -11.14
N LEU A 1043 33.06 -27.85 -10.40
CA LEU A 1043 31.79 -27.25 -10.07
C LEU A 1043 31.75 -26.85 -8.60
N PRO A 1044 31.06 -25.76 -8.27
CA PRO A 1044 31.05 -25.29 -6.88
C PRO A 1044 30.23 -26.19 -5.97
N TRP A 1045 30.55 -26.13 -4.69
CA TRP A 1045 29.83 -26.88 -3.67
C TRP A 1045 28.51 -26.20 -3.35
N LEU A 1046 27.54 -26.99 -2.90
CA LEU A 1046 26.22 -26.49 -2.57
C LEU A 1046 25.85 -26.85 -1.14
N THR A 1047 24.84 -26.15 -0.62
CA THR A 1047 24.32 -26.40 0.71
C THR A 1047 22.82 -26.15 0.69
N ALA A 1048 22.18 -26.37 1.83
CA ALA A 1048 20.75 -26.12 1.95
C ALA A 1048 20.49 -24.64 2.16
N ALA A 1049 19.52 -24.10 1.42
CA ALA A 1049 19.18 -22.69 1.50
C ALA A 1049 18.07 -22.49 2.54
N THR A 1050 18.25 -21.52 3.42
CA THR A 1050 17.31 -21.32 4.51
C THR A 1050 16.04 -20.62 4.04
N VAL A 1051 16.18 -19.44 3.45
CA VAL A 1051 15.02 -18.68 3.01
C VAL A 1051 14.25 -19.43 1.93
N ARG A 1052 14.97 -20.03 0.98
CA ARG A 1052 14.30 -20.74 -0.11
C ARG A 1052 13.54 -21.96 0.40
N SER A 1053 14.12 -22.73 1.32
CA SER A 1053 13.43 -23.90 1.86
C SER A 1053 12.24 -23.48 2.73
N VAL A 1054 12.40 -22.43 3.53
CA VAL A 1054 11.28 -21.95 4.34
C VAL A 1054 10.13 -21.47 3.46
N THR A 1055 10.45 -20.75 2.38
CA THR A 1055 9.42 -20.30 1.46
C THR A 1055 8.78 -21.47 0.74
N HIS A 1056 9.56 -22.50 0.39
CA HIS A 1056 9.01 -23.68 -0.24
C HIS A 1056 8.02 -24.40 0.67
N VAL A 1057 8.37 -24.52 1.96
CA VAL A 1057 7.45 -25.14 2.91
C VAL A 1057 6.21 -24.28 3.09
N ASN A 1058 6.38 -22.96 3.19
CA ASN A 1058 5.24 -22.07 3.37
C ASN A 1058 4.27 -22.14 2.19
N ALA A 1059 4.80 -22.26 0.97
CA ALA A 1059 3.96 -22.28 -0.21
C ALA A 1059 3.08 -23.51 -0.30
N LEU A 1060 3.45 -24.60 0.39
CA LEU A 1060 2.69 -25.84 0.34
C LEU A 1060 1.82 -26.07 1.56
N THR A 1061 1.78 -25.12 2.50
CA THR A 1061 0.97 -25.26 3.70
C THR A 1061 -0.49 -25.01 3.39
N VAL A 1062 -1.35 -25.92 3.85
CA VAL A 1062 -2.80 -25.82 3.64
C VAL A 1062 -3.44 -25.42 4.96
N MET A 1063 -4.24 -24.37 4.93
CA MET A 1063 -4.92 -23.86 6.11
C MET A 1063 -6.38 -24.29 6.10
N ARG A 1064 -6.96 -24.37 7.30
CA ARG A 1064 -8.33 -24.84 7.45
C ARG A 1064 -9.31 -23.84 6.85
N THR A 1065 -10.22 -24.34 6.02
CA THR A 1065 -11.23 -23.47 5.40
C THR A 1065 -12.27 -23.02 6.41
N ALA A 1066 -12.46 -23.76 7.50
CA ALA A 1066 -13.42 -23.39 8.53
C ALA A 1066 -12.77 -22.38 9.48
N ILE A 1067 -12.52 -21.20 8.94
CA ILE A 1067 -11.87 -20.14 9.71
C ILE A 1067 -12.85 -19.58 10.72
N ALA A 1068 -12.46 -19.59 12.00
CA ALA A 1068 -13.30 -19.02 13.04
C ALA A 1068 -13.41 -17.50 12.86
N PRO A 1069 -14.59 -16.92 13.05
CA PRO A 1069 -14.74 -15.48 12.87
C PRO A 1069 -13.84 -14.69 13.81
N GLY A 1070 -13.07 -13.78 13.22
CA GLY A 1070 -12.16 -12.96 14.00
C GLY A 1070 -11.07 -13.73 14.69
N ASP A 1071 -10.58 -14.80 14.07
CA ASP A 1071 -9.55 -15.65 14.66
C ASP A 1071 -8.50 -15.98 13.60
N LYS A 1072 -7.25 -16.10 14.06
CA LYS A 1072 -6.16 -16.44 13.15
C LYS A 1072 -6.32 -17.89 12.69
N PRO A 1073 -6.22 -18.16 11.40
CA PRO A 1073 -6.34 -19.55 10.93
C PRO A 1073 -5.16 -20.40 11.37
N GLN A 1074 -5.41 -21.69 11.48
CA GLN A 1074 -4.40 -22.66 11.90
C GLN A 1074 -4.09 -23.61 10.76
N ILE A 1075 -2.89 -24.19 10.83
CA ILE A 1075 -2.42 -25.08 9.77
C ILE A 1075 -3.22 -26.37 9.80
N GLN A 1076 -3.75 -26.76 8.64
CA GLN A 1076 -4.45 -28.03 8.50
C GLN A 1076 -3.48 -29.17 8.17
N GLU A 1077 -2.66 -28.99 7.13
CA GLU A 1077 -1.71 -30.00 6.71
C GLU A 1077 -0.61 -29.33 5.90
N VAL A 1078 0.49 -30.06 5.73
CA VAL A 1078 1.56 -29.66 4.82
C VAL A 1078 1.77 -30.79 3.82
N ARG A 1079 1.77 -30.46 2.54
CA ARG A 1079 1.85 -31.46 1.49
C ARG A 1079 3.30 -31.87 1.27
N GLU A 1080 3.61 -33.14 1.50
CA GLU A 1080 4.95 -33.68 1.35
C GLU A 1080 5.01 -34.54 0.10
N GLN A 1081 5.92 -34.20 -0.81
CA GLN A 1081 6.08 -34.92 -2.06
C GLN A 1081 7.49 -34.68 -2.57
N ARG A 1082 7.83 -35.36 -3.68
CA ARG A 1082 9.15 -35.24 -4.29
C ARG A 1082 9.10 -34.63 -5.68
N VAL A 1083 7.93 -34.24 -6.17
CA VAL A 1083 7.82 -33.76 -7.54
C VAL A 1083 8.26 -32.30 -7.65
N THR A 1084 7.94 -31.48 -6.64
CA THR A 1084 8.21 -30.05 -6.74
C THR A 1084 9.70 -29.77 -6.83
N GLY A 1085 10.50 -30.43 -5.98
CA GLY A 1085 11.94 -30.20 -6.00
C GLY A 1085 12.58 -30.65 -7.31
N VAL A 1086 12.17 -31.83 -7.81
CA VAL A 1086 12.69 -32.31 -9.09
C VAL A 1086 12.33 -31.34 -10.21
N LEU A 1087 11.08 -30.87 -10.23
CA LEU A 1087 10.66 -29.94 -11.28
C LEU A 1087 11.41 -28.63 -11.19
N ILE A 1088 11.62 -28.11 -9.98
CA ILE A 1088 12.34 -26.85 -9.82
C ILE A 1088 13.77 -26.98 -10.30
N ALA A 1089 14.44 -28.07 -9.91
CA ALA A 1089 15.82 -28.28 -10.34
C ALA A 1089 15.91 -28.47 -11.85
N SER A 1090 14.96 -29.22 -12.43
CA SER A 1090 14.96 -29.43 -13.88
C SER A 1090 14.74 -28.11 -14.62
N LEU A 1091 13.84 -27.26 -14.12
CA LEU A 1091 13.61 -25.97 -14.76
C LEU A 1091 14.84 -25.07 -14.65
N VAL A 1092 15.50 -25.10 -13.49
CA VAL A 1092 16.73 -24.32 -13.33
C VAL A 1092 17.79 -24.78 -14.31
N GLY A 1093 17.91 -26.09 -14.51
CA GLY A 1093 18.86 -26.60 -15.48
C GLY A 1093 18.50 -26.27 -16.91
N LEU A 1094 17.21 -26.35 -17.25
CA LEU A 1094 16.73 -26.13 -18.61
C LEU A 1094 16.60 -24.66 -18.96
N SER A 1095 16.77 -23.76 -18.00
CA SER A 1095 16.66 -22.32 -18.28
C SER A 1095 17.70 -21.85 -19.29
N ILE A 1096 18.76 -22.63 -19.53
CA ILE A 1096 19.80 -22.20 -20.47
C ILE A 1096 19.23 -22.07 -21.88
N VAL A 1097 18.32 -22.95 -22.27
CA VAL A 1097 17.79 -22.94 -23.63
C VAL A 1097 16.50 -22.14 -23.74
N MET A 1098 16.12 -21.44 -22.66
CA MET A 1098 14.89 -20.66 -22.64
C MET A 1098 15.15 -19.18 -22.41
N GLY A 1099 16.23 -18.67 -23.01
CA GLY A 1099 16.58 -17.27 -22.80
C GLY A 1099 15.63 -16.30 -23.48
N ALA A 1100 14.96 -16.74 -24.56
CA ALA A 1100 14.07 -15.84 -25.30
C ALA A 1100 12.91 -15.38 -24.43
N VAL A 1101 12.30 -16.29 -23.67
CA VAL A 1101 11.23 -15.91 -22.76
C VAL A 1101 11.79 -15.12 -21.58
N LEU A 1102 12.93 -15.53 -21.05
CA LEU A 1102 13.50 -14.89 -19.87
C LEU A 1102 13.96 -13.47 -20.15
N ARG A 1103 14.22 -13.11 -21.40
CA ARG A 1103 14.68 -11.75 -21.72
C ARG A 1103 13.57 -10.72 -21.65
N ARG A 1104 12.32 -11.12 -21.46
CA ARG A 1104 11.20 -10.19 -21.37
C ARG A 1104 10.81 -9.87 -19.93
N ILE A 1105 11.55 -10.36 -18.94
CA ILE A 1105 11.21 -10.22 -17.53
C ILE A 1105 12.18 -9.21 -16.91
N PRO A 1106 11.70 -8.04 -16.49
CA PRO A 1106 12.59 -7.09 -15.81
C PRO A 1106 12.97 -7.57 -14.42
N LEU A 1107 14.06 -7.00 -13.90
CA LEU A 1107 14.58 -7.40 -12.61
C LEU A 1107 13.87 -6.75 -11.43
N ALA A 1108 13.12 -5.67 -11.66
CA ALA A 1108 12.43 -5.00 -10.55
C ALA A 1108 11.27 -5.83 -10.02
N VAL A 1109 10.60 -6.58 -10.90
CA VAL A 1109 9.57 -7.52 -10.44
C VAL A 1109 10.19 -8.56 -9.51
N LEU A 1110 11.35 -9.08 -9.89
CA LEU A 1110 12.05 -10.02 -9.02
C LEU A 1110 12.49 -9.36 -7.72
N PHE A 1111 12.85 -8.07 -7.76
CA PHE A 1111 13.18 -7.37 -6.53
C PHE A 1111 11.99 -7.32 -5.58
N GLY A 1112 10.81 -7.01 -6.13
CA GLY A 1112 9.60 -7.02 -5.31
C GLY A 1112 9.26 -8.40 -4.76
N ILE A 1113 9.48 -9.43 -5.58
CA ILE A 1113 9.27 -10.80 -5.11
C ILE A 1113 10.21 -11.14 -3.97
N PHE A 1114 11.47 -10.71 -4.08
CA PHE A 1114 12.44 -10.96 -3.01
C PHE A 1114 12.05 -10.23 -1.74
N LEU A 1115 11.56 -8.99 -1.87
CA LEU A 1115 11.09 -8.27 -0.70
C LEU A 1115 9.92 -8.99 -0.03
N TYR A 1116 8.98 -9.49 -0.82
CA TYR A 1116 7.87 -10.25 -0.26
C TYR A 1116 8.36 -11.50 0.46
N MET A 1117 9.30 -12.23 -0.15
CA MET A 1117 9.83 -13.44 0.47
C MET A 1117 10.53 -13.13 1.79
N GLY A 1118 11.34 -12.08 1.81
CA GLY A 1118 12.06 -11.72 3.02
C GLY A 1118 11.14 -11.25 4.13
N VAL A 1119 10.11 -10.49 3.79
CA VAL A 1119 9.15 -10.03 4.80
C VAL A 1119 8.36 -11.21 5.35
N THR A 1120 7.93 -12.12 4.48
CA THR A 1120 7.18 -13.29 4.93
C THR A 1120 8.03 -14.21 5.80
N SER A 1121 9.33 -14.33 5.50
CA SER A 1121 10.19 -15.24 6.25
C SER A 1121 10.36 -14.83 7.71
N LEU A 1122 10.20 -13.55 8.03
CA LEU A 1122 10.45 -13.06 9.38
C LEU A 1122 9.25 -13.18 10.30
N SER A 1123 8.11 -13.65 9.81
CA SER A 1123 6.90 -13.75 10.62
C SER A 1123 6.76 -15.09 11.34
N GLY A 1124 7.65 -16.04 11.08
CA GLY A 1124 7.55 -17.34 11.72
C GLY A 1124 8.54 -17.54 12.85
N ILE A 1125 9.10 -16.43 13.34
CA ILE A 1125 10.15 -16.46 14.37
C ILE A 1125 9.58 -15.87 15.65
N GLN A 1126 9.82 -16.54 16.77
CA GLN A 1126 9.34 -16.05 18.06
C GLN A 1126 10.03 -14.76 18.46
N LEU A 1127 11.27 -14.55 18.01
CA LEU A 1127 11.97 -13.31 18.29
C LEU A 1127 11.23 -12.11 17.69
N SER A 1128 10.56 -12.31 16.55
CA SER A 1128 9.79 -11.23 15.96
C SER A 1128 8.65 -10.79 16.88
N GLN A 1129 7.91 -11.75 17.43
CA GLN A 1129 6.82 -11.41 18.35
C GLN A 1129 7.35 -10.79 19.64
N ARG A 1130 8.44 -11.36 20.17
CA ARG A 1130 9.01 -10.80 21.41
C ARG A 1130 9.64 -9.43 21.17
N LEU A 1131 9.96 -9.09 19.94
CA LEU A 1131 10.45 -7.75 19.60
C LEU A 1131 9.30 -6.77 19.36
N LEU A 1132 8.18 -7.26 18.83
CA LEU A 1132 6.99 -6.43 18.74
C LEU A 1132 6.43 -6.10 20.12
N LEU A 1133 6.56 -7.03 21.07
CA LEU A 1133 6.04 -6.82 22.42
C LEU A 1133 6.71 -5.67 23.15
N ILE A 1134 7.89 -5.23 22.71
CA ILE A 1134 8.57 -4.13 23.37
C ILE A 1134 7.78 -2.83 23.21
N LEU A 1135 7.23 -2.59 22.00
CA LEU A 1135 6.53 -1.34 21.74
C LEU A 1135 5.20 -1.27 22.48
N MET A 1136 4.49 -2.39 22.56
CA MET A 1136 3.16 -2.38 23.16
C MET A 1136 3.25 -2.24 24.69
N PRO A 1137 2.25 -1.62 25.31
CA PRO A 1137 2.23 -1.55 26.77
C PRO A 1137 2.02 -2.91 27.40
N ALA A 1138 2.48 -3.02 28.66
CA ALA A 1138 2.51 -4.31 29.34
C ALA A 1138 1.13 -4.90 29.58
N LYS A 1139 0.08 -4.09 29.51
CA LYS A 1139 -1.28 -4.56 29.76
C LYS A 1139 -1.94 -5.16 28.52
N HIS A 1140 -1.28 -5.12 27.37
CA HIS A 1140 -1.84 -5.64 26.13
C HIS A 1140 -1.11 -6.89 25.64
N HIS A 1141 -0.18 -7.42 26.42
CA HIS A 1141 0.60 -8.57 25.98
C HIS A 1141 -0.27 -9.83 25.94
N PRO A 1142 -0.09 -10.69 24.92
CA PRO A 1142 -0.88 -11.92 24.85
C PRO A 1142 -0.61 -12.89 25.98
N GLU A 1143 -1.25 -14.07 25.92
CA GLU A 1143 -1.16 -15.08 26.96
C GLU A 1143 -0.10 -16.14 26.66
N GLN A 1144 0.99 -15.75 26.00
CA GLN A 1144 2.05 -16.68 25.70
C GLN A 1144 2.78 -17.09 26.98
N PRO A 1145 3.34 -18.30 27.02
CA PRO A 1145 3.98 -18.78 28.26
C PRO A 1145 5.15 -17.93 28.73
N TYR A 1146 5.81 -17.19 27.84
CA TYR A 1146 6.91 -16.33 28.25
C TYR A 1146 6.44 -14.98 28.76
N VAL A 1147 5.14 -14.72 28.78
CA VAL A 1147 4.58 -13.48 29.31
C VAL A 1147 4.07 -13.67 30.73
N THR A 1148 3.28 -14.72 30.96
CA THR A 1148 2.66 -14.91 32.27
C THR A 1148 3.67 -15.39 33.30
N LYS A 1149 4.56 -16.30 32.93
CA LYS A 1149 5.46 -16.94 33.88
C LYS A 1149 6.78 -16.19 34.05
N VAL A 1150 7.01 -15.12 33.30
CA VAL A 1150 8.23 -14.33 33.39
C VAL A 1150 7.86 -12.88 33.60
N LYS A 1151 8.63 -12.17 34.44
CA LYS A 1151 8.42 -10.75 34.60
C LYS A 1151 8.73 -10.02 33.30
N THR A 1152 8.07 -8.88 33.11
CA THR A 1152 8.21 -8.14 31.85
C THR A 1152 9.64 -7.67 31.63
N TRP A 1153 10.30 -7.21 32.69
CA TRP A 1153 11.67 -6.72 32.55
C TRP A 1153 12.67 -7.85 32.37
N ARG A 1154 12.37 -9.04 32.89
CA ARG A 1154 13.26 -10.18 32.72
C ARG A 1154 13.11 -10.85 31.35
N MET A 1155 12.03 -10.56 30.63
CA MET A 1155 11.86 -11.09 29.29
C MET A 1155 12.53 -10.22 28.24
N HIS A 1156 12.58 -8.90 28.45
CA HIS A 1156 13.23 -8.01 27.51
C HIS A 1156 14.74 -8.18 27.49
N LEU A 1157 15.33 -8.73 28.57
CA LEU A 1157 16.77 -8.93 28.61
C LEU A 1157 17.20 -10.06 27.69
N PHE A 1158 16.39 -11.12 27.61
CA PHE A 1158 16.66 -12.21 26.68
C PHE A 1158 16.66 -11.72 25.24
N THR A 1159 15.67 -10.88 24.88
CA THR A 1159 15.63 -10.30 23.55
C THR A 1159 16.84 -9.42 23.29
N CYS A 1160 17.27 -8.66 24.29
CA CYS A 1160 18.45 -7.82 24.12
C CYS A 1160 19.70 -8.66 23.90
N ILE A 1161 19.83 -9.77 24.61
CA ILE A 1161 20.97 -10.65 24.43
C ILE A 1161 20.97 -11.23 23.02
N GLN A 1162 19.81 -11.70 22.55
CA GLN A 1162 19.73 -12.23 21.20
C GLN A 1162 20.07 -11.18 20.15
N LEU A 1163 19.56 -9.95 20.33
CA LEU A 1163 19.84 -8.88 19.39
C LEU A 1163 21.32 -8.52 19.38
N GLY A 1164 21.95 -8.51 20.56
CA GLY A 1164 23.38 -8.25 20.61
C GLY A 1164 24.18 -9.31 19.90
N CYS A 1165 23.79 -10.57 20.05
CA CYS A 1165 24.47 -11.64 19.33
C CYS A 1165 24.31 -11.48 17.82
N ILE A 1166 23.11 -11.15 17.37
CA ILE A 1166 22.86 -10.95 15.94
C ILE A 1166 23.70 -9.80 15.40
N ALA A 1167 23.74 -8.69 16.14
CA ALA A 1167 24.51 -7.53 15.70
C ALA A 1167 26.00 -7.85 15.64
N LEU A 1168 26.51 -8.57 16.64
CA LEU A 1168 27.93 -8.95 16.62
C LEU A 1168 28.22 -9.85 15.43
N LEU A 1169 27.33 -10.79 15.13
CA LEU A 1169 27.54 -11.67 13.98
C LEU A 1169 27.56 -10.88 12.67
N TRP A 1170 26.64 -9.94 12.51
CA TRP A 1170 26.63 -9.13 11.29
C TRP A 1170 27.89 -8.28 11.19
N VAL A 1171 28.32 -7.69 12.30
CA VAL A 1171 29.54 -6.87 12.29
C VAL A 1171 30.74 -7.73 11.89
N VAL A 1172 30.86 -8.94 12.45
CA VAL A 1172 31.95 -9.82 12.11
C VAL A 1172 31.89 -10.21 10.64
N LYS A 1173 30.85 -10.50 9.95
CA LYS A 1173 30.95 -10.87 8.54
C LYS A 1173 31.11 -9.63 7.71
N SER A 1174 30.73 -8.45 8.22
CA SER A 1174 31.02 -7.32 7.36
C SER A 1174 32.52 -7.17 7.09
N THR A 1175 33.36 -7.41 8.10
CA THR A 1175 34.78 -7.15 7.99
C THR A 1175 35.47 -8.29 7.22
N ALA A 1176 36.81 -8.27 7.22
CA ALA A 1176 37.60 -9.22 6.46
C ALA A 1176 37.79 -10.55 7.18
N ALA A 1177 37.36 -10.66 8.43
CA ALA A 1177 37.42 -11.90 9.19
C ALA A 1177 36.14 -12.72 9.07
N SER A 1178 35.42 -12.59 7.95
CA SER A 1178 34.16 -13.29 7.76
C SER A 1178 34.32 -14.80 7.64
N LEU A 1179 35.56 -15.29 7.47
CA LEU A 1179 35.77 -16.73 7.40
C LEU A 1179 35.57 -17.41 8.75
N ALA A 1180 35.51 -16.66 9.84
CA ALA A 1180 35.33 -17.20 11.18
C ALA A 1180 33.88 -17.09 11.66
N PHE A 1181 32.95 -16.72 10.79
CA PHE A 1181 31.55 -16.61 11.19
C PHE A 1181 30.96 -17.91 11.71
N PRO A 1182 31.13 -19.07 11.05
CA PRO A 1182 30.52 -20.30 11.58
C PRO A 1182 30.97 -20.67 12.97
N PHE A 1183 32.25 -20.47 13.29
CA PHE A 1183 32.72 -20.77 14.64
C PHE A 1183 32.07 -19.85 15.66
N LEU A 1184 31.93 -18.57 15.33
CA LEU A 1184 31.24 -17.65 16.21
C LEU A 1184 29.78 -18.03 16.40
N LEU A 1185 29.15 -18.59 15.36
CA LEU A 1185 27.76 -19.01 15.49
C LEU A 1185 27.63 -20.24 16.38
N LEU A 1186 28.50 -21.24 16.18
CA LEU A 1186 28.48 -22.41 17.06
C LEU A 1186 28.90 -22.06 18.49
N LEU A 1187 29.58 -20.94 18.69
CA LEU A 1187 29.96 -20.53 20.04
C LEU A 1187 28.76 -20.13 20.90
N THR A 1188 27.57 -19.99 20.32
CA THR A 1188 26.40 -19.61 21.09
C THR A 1188 25.77 -20.78 21.85
N VAL A 1189 26.23 -22.00 21.62
CA VAL A 1189 25.71 -23.16 22.35
C VAL A 1189 26.35 -23.24 23.74
N PRO A 1190 27.67 -23.09 23.88
CA PRO A 1190 28.23 -22.96 25.24
C PRO A 1190 27.66 -21.77 25.99
N LEU A 1191 27.35 -20.67 25.30
CA LEU A 1191 26.78 -19.51 25.96
C LEU A 1191 25.43 -19.84 26.58
N ARG A 1192 24.59 -20.58 25.87
CA ARG A 1192 23.28 -20.93 26.39
C ARG A 1192 23.34 -22.04 27.43
N HIS A 1193 24.28 -22.97 27.30
CA HIS A 1193 24.32 -24.15 28.17
C HIS A 1193 25.28 -24.01 29.33
N CYS A 1194 26.00 -22.91 29.44
CA CYS A 1194 26.95 -22.74 30.54
C CYS A 1194 26.76 -21.43 31.29
N LEU A 1195 26.43 -20.35 30.59
CA LEU A 1195 26.34 -19.03 31.19
C LEU A 1195 24.90 -18.58 31.44
N LEU A 1196 23.97 -18.92 30.56
CA LEU A 1196 22.59 -18.50 30.73
C LEU A 1196 21.96 -19.03 32.03
N PRO A 1197 22.11 -20.31 32.41
CA PRO A 1197 21.53 -20.75 33.69
C PRO A 1197 22.11 -20.03 34.90
N ARG A 1198 23.31 -19.45 34.80
CA ARG A 1198 23.87 -18.72 35.92
C ARG A 1198 23.11 -17.42 36.21
N LEU A 1199 22.41 -16.88 35.22
CA LEU A 1199 21.65 -15.64 35.39
C LEU A 1199 20.17 -15.89 35.57
N PHE A 1200 19.56 -16.67 34.67
CA PHE A 1200 18.14 -16.95 34.73
C PHE A 1200 17.88 -18.20 35.55
N GLN A 1201 16.63 -18.36 35.97
CA GLN A 1201 16.19 -19.56 36.67
C GLN A 1201 15.74 -20.61 35.66
N ASP A 1202 15.67 -21.86 36.13
CA ASP A 1202 15.31 -22.95 35.23
C ASP A 1202 13.88 -22.81 34.71
N ARG A 1203 12.96 -22.32 35.56
CA ARG A 1203 11.59 -22.14 35.10
C ARG A 1203 11.52 -21.07 34.01
N GLU A 1204 12.21 -19.95 34.21
CA GLU A 1204 12.26 -18.90 33.21
C GLU A 1204 12.86 -19.41 31.90
N LEU A 1205 13.95 -20.17 31.99
CA LEU A 1205 14.59 -20.68 30.78
C LEU A 1205 13.73 -21.71 30.06
N GLN A 1206 12.99 -22.52 30.81
CA GLN A 1206 12.12 -23.51 30.18
C GLN A 1206 11.02 -22.83 29.38
N ALA A 1207 10.47 -21.73 29.90
CA ALA A 1207 9.40 -21.09 29.12
C ALA A 1207 9.94 -20.17 28.03
N LEU A 1208 11.01 -19.41 28.32
CA LEU A 1208 11.56 -18.47 27.34
C LEU A 1208 12.20 -19.20 26.16
N ASP A 1209 12.91 -20.28 26.43
CA ASP A 1209 13.66 -21.01 25.41
C ASP A 1209 13.02 -22.38 25.25
N SER A 1210 12.16 -22.51 24.24
CA SER A 1210 11.50 -23.78 23.95
C SER A 1210 10.99 -23.81 22.52
N ASP B 673 -39.55 18.52 16.40
CA ASP B 673 -38.77 18.53 15.17
C ASP B 673 -38.81 19.90 14.51
N PRO B 674 -37.69 20.31 13.90
CA PRO B 674 -37.64 21.61 13.22
C PRO B 674 -38.35 21.65 11.87
N LEU B 675 -38.86 20.51 11.39
CA LEU B 675 -39.49 20.44 10.08
C LEU B 675 -41.01 20.64 10.14
N LEU B 676 -41.58 20.90 11.30
CA LEU B 676 -43.01 21.10 11.42
C LEU B 676 -43.38 22.54 11.09
N ARG B 677 -44.56 22.70 10.49
CA ARG B 677 -45.06 24.01 10.11
C ARG B 677 -45.86 24.61 11.26
N THR B 678 -45.57 25.87 11.60
CA THR B 678 -46.22 26.53 12.72
C THR B 678 -47.44 27.34 12.31
N GLY B 679 -47.41 27.96 11.14
CA GLY B 679 -48.51 28.77 10.67
C GLY B 679 -48.37 30.26 10.88
N SER B 680 -47.20 30.72 11.32
CA SER B 680 -46.95 32.13 11.53
C SER B 680 -45.71 32.56 10.75
N VAL B 681 -45.70 33.83 10.33
CA VAL B 681 -44.60 34.33 9.52
C VAL B 681 -43.31 34.33 10.32
N PHE B 682 -42.22 33.89 9.69
CA PHE B 682 -40.90 33.84 10.30
C PHE B 682 -40.85 32.93 11.53
N GLY B 683 -41.80 31.99 11.64
CA GLY B 683 -41.82 31.13 12.81
C GLY B 683 -40.64 30.20 12.89
N GLY B 684 -40.28 29.58 11.76
CA GLY B 684 -39.16 28.65 11.76
C GLY B 684 -37.84 29.33 12.07
N LEU B 685 -37.63 30.52 11.52
CA LEU B 685 -36.40 31.26 11.82
C LEU B 685 -36.32 31.62 13.29
N VAL B 686 -37.45 32.05 13.88
CA VAL B 686 -37.47 32.40 15.28
C VAL B 686 -37.16 31.17 16.14
N ARG B 687 -37.77 30.03 15.80
CA ARG B 687 -37.51 28.80 16.55
C ARG B 687 -36.04 28.40 16.43
N ASP B 688 -35.47 28.48 15.23
CA ASP B 688 -34.07 28.11 15.03
C ASP B 688 -33.15 29.01 15.85
N VAL B 689 -33.40 30.32 15.83
CA VAL B 689 -32.57 31.24 16.59
C VAL B 689 -32.68 30.95 18.08
N ARG B 690 -33.90 30.78 18.58
CA ARG B 690 -34.10 30.53 20.01
C ARG B 690 -33.49 29.20 20.43
N ARG B 691 -33.47 28.21 19.54
CA ARG B 691 -32.88 26.92 19.86
C ARG B 691 -31.36 26.96 19.88
N ARG B 692 -30.75 27.68 18.92
CA ARG B 692 -29.31 27.58 18.74
C ARG B 692 -28.52 28.67 19.47
N TYR B 693 -28.98 29.91 19.45
CA TYR B 693 -28.14 31.01 19.91
C TYR B 693 -27.74 30.96 21.39
N PRO B 694 -28.54 30.42 22.33
CA PRO B 694 -28.07 30.37 23.72
C PRO B 694 -26.78 29.59 23.92
N HIS B 695 -26.47 28.62 23.05
CA HIS B 695 -25.28 27.79 23.20
C HIS B 695 -23.99 28.50 22.79
N TYR B 696 -24.03 29.82 22.58
CA TYR B 696 -22.88 30.52 22.01
C TYR B 696 -21.62 30.43 22.88
N PRO B 697 -21.67 30.64 24.21
CA PRO B 697 -20.45 30.45 25.00
C PRO B 697 -19.88 29.05 24.90
N SER B 698 -20.74 28.03 24.83
CA SER B 698 -20.27 26.68 24.62
C SER B 698 -19.59 26.53 23.26
N ASP B 699 -20.15 27.20 22.23
CA ASP B 699 -19.55 27.15 20.90
C ASP B 699 -18.16 27.77 20.92
N LEU B 700 -17.99 28.87 21.64
CA LEU B 700 -16.67 29.49 21.72
C LEU B 700 -15.71 28.68 22.57
N ARG B 701 -16.22 27.98 23.59
CA ARG B 701 -15.36 27.27 24.54
C ARG B 701 -14.93 25.90 24.04
N ASP B 702 -15.74 25.25 23.21
CA ASP B 702 -15.46 23.87 22.81
C ASP B 702 -14.19 23.75 21.98
N ALA B 703 -13.69 24.85 21.42
CA ALA B 703 -12.61 24.78 20.44
C ALA B 703 -11.21 24.68 21.06
N LEU B 704 -11.09 24.63 22.38
CA LEU B 704 -9.77 24.56 23.02
C LEU B 704 -9.33 23.10 23.09
N HIS B 705 -8.62 22.66 22.06
CA HIS B 705 -8.09 21.30 22.01
C HIS B 705 -7.08 21.23 20.87
N SER B 706 -6.53 20.03 20.65
CA SER B 706 -5.56 19.79 19.60
C SER B 706 -6.17 19.21 18.33
N GLN B 707 -7.38 18.65 18.40
CA GLN B 707 -8.02 18.13 17.20
C GLN B 707 -8.49 19.26 16.28
N CYS B 708 -8.85 20.41 16.86
CA CYS B 708 -9.30 21.54 16.05
C CYS B 708 -8.19 22.06 15.15
N VAL B 709 -6.96 22.08 15.65
CA VAL B 709 -5.83 22.54 14.84
C VAL B 709 -5.62 21.63 13.63
N ALA B 710 -5.66 20.31 13.87
CA ALA B 710 -5.51 19.37 12.76
C ALA B 710 -6.65 19.51 11.75
N ALA B 711 -7.88 19.68 12.24
CA ALA B 711 -9.01 19.87 11.35
C ALA B 711 -8.85 21.14 10.51
N VAL B 712 -8.40 22.22 11.13
CA VAL B 712 -8.19 23.47 10.40
C VAL B 712 -7.12 23.29 9.33
N LEU B 713 -6.00 22.66 9.69
CA LEU B 713 -4.91 22.47 8.75
C LEU B 713 -5.34 21.61 7.56
N PHE B 714 -6.12 20.56 7.83
CA PHE B 714 -6.58 19.69 6.76
C PHE B 714 -7.59 20.40 5.86
N ILE B 715 -8.61 21.01 6.45
CA ILE B 715 -9.69 21.58 5.64
C ILE B 715 -9.25 22.86 4.92
N TYR B 716 -8.23 23.56 5.41
CA TYR B 716 -7.74 24.72 4.69
C TYR B 716 -7.18 24.33 3.32
N PHE B 717 -6.37 23.27 3.29
CA PHE B 717 -5.90 22.75 2.01
C PHE B 717 -7.04 22.14 1.21
N ALA B 718 -7.99 21.50 1.89
CA ALA B 718 -9.14 20.94 1.19
C ALA B 718 -9.96 22.01 0.49
N ALA B 719 -9.98 23.23 1.02
CA ALA B 719 -10.83 24.30 0.51
C ALA B 719 -10.12 25.28 -0.41
N LEU B 720 -8.81 25.50 -0.24
CA LEU B 720 -8.13 26.54 -1.01
C LEU B 720 -8.01 26.17 -2.48
N SER B 721 -7.58 24.94 -2.78
CA SER B 721 -7.32 24.55 -4.16
C SER B 721 -8.53 24.59 -5.08
N PRO B 722 -9.73 24.14 -4.69
CA PRO B 722 -10.87 24.28 -5.61
C PRO B 722 -11.15 25.73 -5.98
N ALA B 723 -10.87 26.68 -5.08
CA ALA B 723 -11.00 28.08 -5.44
C ALA B 723 -10.07 28.45 -6.59
N ILE B 724 -8.81 28.00 -6.53
CA ILE B 724 -7.86 28.30 -7.60
C ILE B 724 -8.30 27.66 -8.92
N THR B 725 -8.69 26.38 -8.86
CA THR B 725 -9.08 25.68 -10.08
C THR B 725 -10.30 26.32 -10.72
N PHE B 726 -11.33 26.59 -9.92
CA PHE B 726 -12.55 27.18 -10.47
C PHE B 726 -12.34 28.63 -10.87
N GLY B 727 -11.42 29.34 -10.22
CA GLY B 727 -11.10 30.68 -10.68
C GLY B 727 -10.44 30.68 -12.03
N GLY B 728 -9.50 29.75 -12.26
CA GLY B 728 -8.91 29.62 -13.57
C GLY B 728 -9.94 29.27 -14.64
N LEU B 729 -10.81 28.29 -14.33
CA LEU B 729 -11.84 27.91 -15.29
C LEU B 729 -12.80 29.07 -15.57
N LEU B 730 -13.20 29.81 -14.52
CA LEU B 730 -14.09 30.94 -14.70
C LEU B 730 -13.44 32.03 -15.53
N GLY B 731 -12.16 32.30 -15.31
CA GLY B 731 -11.45 33.27 -16.13
C GLY B 731 -11.40 32.85 -17.59
N GLU B 732 -11.20 31.56 -17.84
CA GLU B 732 -11.24 31.08 -19.21
C GLU B 732 -12.63 31.25 -19.83
N LYS B 733 -13.68 30.94 -19.08
CA LYS B 733 -15.02 30.93 -19.65
C LYS B 733 -15.59 32.33 -19.84
N THR B 734 -15.30 33.25 -18.93
CA THR B 734 -15.91 34.57 -18.93
C THR B 734 -14.98 35.66 -19.46
N GLU B 735 -13.92 35.29 -20.18
CA GLU B 735 -13.01 36.23 -20.83
C GLU B 735 -12.39 37.21 -19.82
N GLY B 736 -12.09 36.70 -18.64
CA GLY B 736 -11.36 37.49 -17.65
C GLY B 736 -12.19 38.46 -16.84
N LEU B 737 -13.52 38.46 -17.00
CA LEU B 737 -14.34 39.34 -16.18
C LEU B 737 -14.38 38.90 -14.73
N MET B 738 -14.41 37.59 -14.49
CA MET B 738 -14.30 37.01 -13.16
C MET B 738 -13.13 36.05 -13.12
N GLY B 739 -12.35 36.11 -12.05
CA GLY B 739 -11.10 35.36 -11.96
C GLY B 739 -10.95 34.66 -10.62
N VAL B 740 -9.69 34.56 -10.19
CA VAL B 740 -9.35 33.84 -8.97
C VAL B 740 -9.50 34.72 -7.74
N SER B 741 -9.08 35.99 -7.83
CA SER B 741 -9.15 36.88 -6.68
C SER B 741 -10.60 37.13 -6.26
N GLU B 742 -11.50 37.27 -7.24
CA GLU B 742 -12.91 37.45 -6.93
C GLU B 742 -13.47 36.25 -6.18
N LEU B 743 -13.13 35.04 -6.64
CA LEU B 743 -13.59 33.83 -5.97
C LEU B 743 -13.02 33.73 -4.56
N ILE B 744 -11.75 34.10 -4.38
CA ILE B 744 -11.14 34.05 -3.06
C ILE B 744 -11.83 35.02 -2.11
N VAL B 745 -12.10 36.24 -2.59
CA VAL B 745 -12.75 37.25 -1.74
C VAL B 745 -14.15 36.79 -1.36
N SER B 746 -14.92 36.30 -2.34
CA SER B 746 -16.26 35.82 -2.07
C SER B 746 -16.25 34.68 -1.06
N THR B 747 -15.35 33.70 -1.26
CA THR B 747 -15.28 32.56 -0.34
C THR B 747 -14.96 33.02 1.07
N ALA B 748 -13.95 33.88 1.22
CA ALA B 748 -13.55 34.33 2.56
C ALA B 748 -14.68 35.08 3.25
N VAL B 749 -15.27 36.07 2.58
CA VAL B 749 -16.28 36.89 3.21
C VAL B 749 -17.51 36.06 3.57
N LEU B 750 -18.02 35.28 2.61
CA LEU B 750 -19.23 34.52 2.86
C LEU B 750 -19.01 33.45 3.90
N GLY B 751 -17.84 32.78 3.88
CA GLY B 751 -17.56 31.78 4.90
C GLY B 751 -17.49 32.38 6.29
N VAL B 752 -16.80 33.53 6.43
CA VAL B 752 -16.71 34.16 7.74
C VAL B 752 -18.10 34.53 8.25
N LEU B 753 -18.91 35.17 7.40
CA LEU B 753 -20.23 35.61 7.84
C LEU B 753 -21.11 34.41 8.19
N PHE B 754 -21.11 33.36 7.37
CA PHE B 754 -21.96 32.21 7.64
C PHE B 754 -21.52 31.49 8.90
N SER B 755 -20.21 31.35 9.13
CA SER B 755 -19.75 30.69 10.34
C SER B 755 -20.09 31.51 11.57
N LEU B 756 -20.04 32.84 11.46
CA LEU B 756 -20.36 33.67 12.61
C LEU B 756 -21.86 33.66 12.93
N LEU B 757 -22.71 33.64 11.91
CA LEU B 757 -24.15 33.80 12.13
C LEU B 757 -24.98 32.56 11.85
N GLY B 758 -24.39 31.48 11.34
CA GLY B 758 -25.18 30.32 10.97
C GLY B 758 -25.63 29.50 12.16
N ALA B 759 -26.73 28.77 11.96
CA ALA B 759 -27.22 27.83 12.97
C ALA B 759 -26.56 26.46 12.87
N GLN B 760 -25.91 26.16 11.75
CA GLN B 760 -25.12 24.94 11.58
C GLN B 760 -23.75 25.36 11.06
N PRO B 761 -22.86 25.78 11.96
CA PRO B 761 -21.58 26.35 11.52
C PRO B 761 -20.56 25.32 11.05
N LEU B 762 -20.97 24.07 10.88
CA LEU B 762 -20.09 23.03 10.39
C LEU B 762 -20.16 22.86 8.87
N LEU B 763 -20.98 23.66 8.19
CA LEU B 763 -21.03 23.63 6.74
C LEU B 763 -19.91 24.48 6.16
N VAL B 764 -19.42 24.06 5.00
CA VAL B 764 -18.36 24.77 4.28
C VAL B 764 -18.95 25.29 2.97
N VAL B 765 -18.83 26.59 2.74
CA VAL B 765 -19.40 27.24 1.56
C VAL B 765 -18.30 27.41 0.52
N GLY B 766 -18.68 27.26 -0.75
CA GLY B 766 -17.72 27.43 -1.84
C GLY B 766 -18.39 27.21 -3.16
N PHE B 767 -17.59 27.40 -4.22
CA PHE B 767 -18.05 27.24 -5.59
C PHE B 767 -18.14 25.76 -5.97
N SER B 768 -18.99 25.46 -6.95
CA SER B 768 -19.17 24.10 -7.43
C SER B 768 -19.37 24.13 -8.95
N GLY B 769 -19.44 22.94 -9.53
CA GLY B 769 -19.58 22.76 -10.96
C GLY B 769 -20.88 23.29 -11.57
N PRO B 770 -22.04 22.99 -10.95
CA PRO B 770 -23.30 23.52 -11.49
C PRO B 770 -23.33 25.03 -11.58
N LEU B 771 -22.75 25.71 -10.60
CA LEU B 771 -22.67 27.16 -10.64
C LEU B 771 -21.83 27.62 -11.83
N LEU B 772 -20.73 26.92 -12.10
CA LEU B 772 -19.90 27.23 -13.26
C LEU B 772 -20.68 27.05 -14.55
N VAL B 773 -21.47 25.97 -14.64
CA VAL B 773 -22.29 25.72 -15.83
C VAL B 773 -23.29 26.86 -16.03
N PHE B 774 -23.95 27.27 -14.95
CA PHE B 774 -24.93 28.35 -15.06
C PHE B 774 -24.25 29.65 -15.48
N GLU B 775 -23.09 29.95 -14.91
CA GLU B 775 -22.38 31.17 -15.27
C GLU B 775 -21.98 31.17 -16.74
N GLU B 776 -21.50 30.03 -17.24
CA GLU B 776 -21.12 29.94 -18.64
C GLU B 776 -22.33 30.12 -19.56
N ALA B 777 -23.45 29.48 -19.22
CA ALA B 777 -24.66 29.62 -20.02
C ALA B 777 -25.17 31.06 -20.01
N PHE B 778 -25.14 31.71 -18.84
CA PHE B 778 -25.59 33.10 -18.76
C PHE B 778 -24.68 34.02 -19.55
N PHE B 779 -23.37 33.76 -19.52
CA PHE B 779 -22.46 34.58 -20.31
C PHE B 779 -22.74 34.40 -21.81
N LYS B 780 -23.00 33.17 -22.24
CA LYS B 780 -23.36 32.96 -23.64
C LYS B 780 -24.63 33.71 -24.01
N PHE B 781 -25.64 33.66 -23.14
CA PHE B 781 -26.89 34.37 -23.42
C PHE B 781 -26.68 35.87 -23.49
N CYS B 782 -25.89 36.42 -22.55
CA CYS B 782 -25.64 37.86 -22.55
C CYS B 782 -24.85 38.28 -23.79
N ARG B 783 -23.87 37.48 -24.21
CA ARG B 783 -23.10 37.82 -25.40
C ARG B 783 -23.98 37.75 -26.65
N ALA B 784 -24.86 36.75 -26.73
CA ALA B 784 -25.71 36.61 -27.91
C ALA B 784 -26.67 37.77 -28.07
N GLN B 785 -27.23 38.25 -26.96
CA GLN B 785 -28.25 39.29 -26.99
C GLN B 785 -27.69 40.71 -26.90
N ASP B 786 -26.37 40.86 -26.89
CA ASP B 786 -25.72 42.17 -26.82
C ASP B 786 -26.14 42.91 -25.54
N LEU B 787 -25.85 42.30 -24.41
CA LEU B 787 -26.13 42.86 -23.10
C LEU B 787 -24.89 42.80 -22.24
N GLU B 788 -24.85 43.67 -21.23
CA GLU B 788 -23.76 43.62 -20.26
C GLU B 788 -23.93 42.42 -19.33
N TYR B 789 -22.82 41.82 -18.94
CA TYR B 789 -22.85 40.60 -18.13
C TYR B 789 -23.07 40.91 -16.67
N LEU B 790 -22.31 41.86 -16.13
CA LEU B 790 -22.32 42.11 -14.69
C LEU B 790 -23.61 42.80 -14.24
N THR B 791 -24.19 43.66 -15.09
CA THR B 791 -25.48 44.27 -14.74
C THR B 791 -26.59 43.23 -14.69
N GLY B 792 -26.61 42.31 -15.67
CA GLY B 792 -27.54 41.20 -15.61
C GLY B 792 -27.35 40.36 -14.36
N ARG B 793 -26.10 40.11 -13.98
CA ARG B 793 -25.84 39.39 -12.74
C ARG B 793 -26.37 40.14 -11.53
N VAL B 794 -26.23 41.47 -11.54
CA VAL B 794 -26.74 42.29 -10.43
C VAL B 794 -28.23 42.12 -10.29
N TRP B 795 -28.96 42.21 -11.41
CA TRP B 795 -30.42 42.12 -11.32
C TRP B 795 -30.86 40.70 -10.98
N VAL B 796 -30.12 39.69 -11.46
CA VAL B 796 -30.40 38.31 -11.07
C VAL B 796 -30.24 38.14 -9.57
N GLY B 797 -29.19 38.74 -8.99
CA GLY B 797 -28.99 38.65 -7.56
C GLY B 797 -30.09 39.33 -6.77
N LEU B 798 -30.54 40.50 -7.23
CA LEU B 798 -31.64 41.19 -6.55
C LEU B 798 -32.93 40.36 -6.58
N TRP B 799 -33.26 39.79 -7.75
CA TRP B 799 -34.45 38.96 -7.83
C TRP B 799 -34.30 37.71 -6.98
N LEU B 800 -33.09 37.15 -6.90
CA LEU B 800 -32.84 36.00 -6.03
C LEU B 800 -33.07 36.36 -4.56
N VAL B 801 -32.63 37.55 -4.15
CA VAL B 801 -32.86 37.99 -2.77
C VAL B 801 -34.35 38.08 -2.50
N VAL B 802 -35.09 38.67 -3.43
CA VAL B 802 -36.54 38.82 -3.26
C VAL B 802 -37.20 37.44 -3.14
N PHE B 803 -36.82 36.52 -4.04
CA PHE B 803 -37.41 35.18 -4.03
C PHE B 803 -37.08 34.43 -2.74
N VAL B 804 -35.84 34.53 -2.27
CA VAL B 804 -35.44 33.84 -1.05
C VAL B 804 -36.20 34.39 0.15
N LEU B 805 -36.34 35.72 0.23
CA LEU B 805 -37.11 36.30 1.32
C LEU B 805 -38.56 35.82 1.28
N ALA B 806 -39.18 35.81 0.10
CA ALA B 806 -40.56 35.35 -0.01
C ALA B 806 -40.69 33.89 0.38
N LEU B 807 -39.75 33.04 -0.05
CA LEU B 807 -39.81 31.63 0.27
C LEU B 807 -39.65 31.38 1.76
N VAL B 808 -38.71 32.08 2.41
CA VAL B 808 -38.48 31.89 3.83
C VAL B 808 -39.68 32.40 4.63
N ALA B 809 -40.30 33.50 4.19
CA ALA B 809 -41.43 34.07 4.93
C ALA B 809 -42.61 33.10 4.99
N ALA B 810 -42.81 32.29 3.95
CA ALA B 810 -43.97 31.41 3.86
C ALA B 810 -43.71 30.03 4.44
N GLU B 811 -42.63 29.85 5.20
CA GLU B 811 -42.29 28.57 5.82
C GLU B 811 -42.16 27.46 4.78
N GLY B 812 -41.54 27.79 3.64
CA GLY B 812 -41.35 26.83 2.57
C GLY B 812 -40.27 25.81 2.80
N SER B 813 -39.55 25.90 3.91
CA SER B 813 -38.49 24.96 4.23
C SER B 813 -38.99 23.70 4.93
N PHE B 814 -40.30 23.45 4.92
CA PHE B 814 -40.84 22.22 5.47
C PHE B 814 -40.98 21.12 4.42
N LEU B 815 -40.71 21.42 3.16
CA LEU B 815 -40.70 20.40 2.11
C LEU B 815 -39.50 19.47 2.21
N VAL B 816 -38.52 19.79 3.06
CA VAL B 816 -37.35 18.94 3.23
C VAL B 816 -37.71 17.59 3.83
N ARG B 817 -38.87 17.48 4.50
CA ARG B 817 -39.27 16.20 5.08
C ARG B 817 -39.67 15.18 4.02
N TYR B 818 -39.89 15.61 2.78
CA TYR B 818 -40.21 14.72 1.68
C TYR B 818 -38.98 14.14 1.01
N ILE B 819 -37.78 14.49 1.48
CA ILE B 819 -36.53 14.03 0.87
C ILE B 819 -36.08 12.79 1.64
N SER B 820 -36.42 11.62 1.12
CA SER B 820 -36.06 10.36 1.74
C SER B 820 -34.59 10.06 1.53
N PRO B 821 -34.02 9.13 2.31
CA PRO B 821 -32.61 8.76 2.12
C PRO B 821 -32.30 8.21 0.74
N PHE B 822 -33.31 7.79 -0.03
CA PHE B 822 -33.12 7.47 -1.44
C PHE B 822 -32.33 8.56 -2.16
N THR B 823 -32.89 9.77 -2.17
CA THR B 823 -32.26 10.89 -2.87
C THR B 823 -30.93 11.26 -2.25
N GLN B 824 -30.84 11.23 -0.91
CA GLN B 824 -29.60 11.61 -0.24
C GLN B 824 -28.45 10.70 -0.63
N GLU B 825 -28.68 9.38 -0.62
CA GLU B 825 -27.64 8.44 -1.00
C GLU B 825 -27.27 8.61 -2.47
N ILE B 826 -28.27 8.79 -3.34
CA ILE B 826 -27.97 8.99 -4.75
C ILE B 826 -27.06 10.20 -4.95
N PHE B 827 -27.43 11.32 -4.34
CA PHE B 827 -26.67 12.56 -4.49
C PHE B 827 -25.24 12.41 -3.96
N ALA B 828 -25.10 11.88 -2.75
CA ALA B 828 -23.77 11.77 -2.15
C ALA B 828 -22.87 10.83 -2.96
N PHE B 829 -23.41 9.69 -3.39
CA PHE B 829 -22.63 8.75 -4.17
C PHE B 829 -22.15 9.37 -5.47
N LEU B 830 -23.05 10.07 -6.17
CA LEU B 830 -22.66 10.70 -7.43
C LEU B 830 -21.59 11.76 -7.22
N ILE B 831 -21.73 12.59 -6.18
CA ILE B 831 -20.80 13.67 -5.95
C ILE B 831 -19.40 13.12 -5.64
N SER B 832 -19.32 12.10 -4.77
CA SER B 832 -18.03 11.54 -4.44
C SER B 832 -17.38 10.86 -5.64
N LEU B 833 -18.19 10.16 -6.45
CA LEU B 833 -17.63 9.51 -7.63
C LEU B 833 -17.05 10.53 -8.59
N ILE B 834 -17.74 11.66 -8.79
CA ILE B 834 -17.23 12.70 -9.68
C ILE B 834 -15.92 13.28 -9.15
N PHE B 835 -15.86 13.54 -7.84
CA PHE B 835 -14.63 14.04 -7.21
C PHE B 835 -13.45 13.13 -7.52
N ILE B 836 -13.62 11.83 -7.29
CA ILE B 836 -12.53 10.88 -7.52
C ILE B 836 -12.11 10.87 -8.99
N TYR B 837 -13.09 10.88 -9.90
CA TYR B 837 -12.75 10.82 -11.32
C TYR B 837 -11.91 12.03 -11.74
N GLU B 838 -12.21 13.21 -11.16
CA GLU B 838 -11.50 14.44 -11.50
C GLU B 838 -10.10 14.51 -10.91
N THR B 839 -9.83 13.78 -9.82
CA THR B 839 -8.46 13.73 -9.33
C THR B 839 -7.53 12.90 -10.23
N PHE B 840 -8.07 11.87 -10.92
CA PHE B 840 -7.37 11.01 -11.88
C PHE B 840 -7.37 11.53 -13.29
N TYR B 841 -8.15 12.56 -13.61
CA TYR B 841 -7.99 13.16 -14.92
C TYR B 841 -6.96 14.27 -14.92
N LYS B 842 -6.59 14.80 -13.77
CA LYS B 842 -5.60 15.84 -13.65
C LYS B 842 -4.20 15.25 -13.48
N LEU B 843 -4.08 13.98 -13.05
CA LEU B 843 -2.84 13.22 -13.21
C LEU B 843 -2.64 12.63 -14.60
N TYR B 844 -3.69 12.04 -15.20
CA TYR B 844 -3.63 11.74 -16.63
C TYR B 844 -3.16 12.94 -17.42
N LYS B 845 -3.76 14.10 -17.18
CA LYS B 845 -3.33 15.33 -17.84
C LYS B 845 -1.86 15.64 -17.53
N VAL B 846 -1.47 15.52 -16.26
CA VAL B 846 -0.08 15.72 -15.86
C VAL B 846 0.86 14.82 -16.67
N PHE B 847 0.47 13.55 -16.88
CA PHE B 847 1.25 12.65 -17.72
C PHE B 847 1.23 13.11 -19.17
N THR B 848 0.10 13.65 -19.64
CA THR B 848 -0.04 13.95 -21.06
C THR B 848 0.85 15.11 -21.47
N GLU B 849 0.91 16.16 -20.65
CA GLU B 849 1.80 17.25 -21.04
C GLU B 849 3.28 16.84 -20.99
N HIS B 850 3.62 15.79 -20.24
CA HIS B 850 5.01 15.36 -20.06
C HIS B 850 5.13 13.87 -20.37
N PRO B 851 5.12 13.50 -21.66
CA PRO B 851 5.23 12.10 -22.03
C PRO B 851 6.65 11.56 -21.84
N LEU B 852 6.73 10.24 -21.78
CA LEU B 852 8.02 9.55 -21.66
C LEU B 852 8.61 9.39 -23.06
N LEU B 853 9.74 10.06 -23.31
CA LEU B 853 10.33 10.05 -24.64
C LEU B 853 11.71 9.40 -24.62
N PRO B 854 12.09 8.72 -25.70
CA PRO B 854 13.44 8.13 -25.76
C PRO B 854 14.55 9.15 -25.67
N PHE B 855 14.35 10.34 -26.26
CA PHE B 855 15.36 11.38 -26.30
C PHE B 855 14.76 12.70 -25.85
N TYR B 856 15.54 13.47 -25.10
CA TYR B 856 15.12 14.77 -24.57
C TYR B 856 16.17 15.80 -24.95
N PRO B 857 16.06 16.41 -26.12
CA PRO B 857 17.09 17.35 -26.56
C PRO B 857 16.90 18.71 -25.92
N PRO B 858 17.98 19.37 -25.52
CA PRO B 858 17.86 20.71 -24.94
C PRO B 858 17.36 21.71 -25.98
N GLU B 859 16.59 22.69 -25.50
CA GLU B 859 16.02 23.70 -26.37
C GLU B 859 16.67 25.07 -26.13
N PRO B 884 4.95 30.93 -20.46
CA PRO B 884 5.35 29.68 -21.12
C PRO B 884 5.75 28.60 -20.12
N SER B 885 4.79 27.78 -19.72
CA SER B 885 5.08 26.70 -18.78
C SER B 885 5.96 25.64 -19.43
N PRO B 886 6.85 25.01 -18.67
CA PRO B 886 7.71 23.96 -19.22
C PRO B 886 6.89 22.79 -19.75
N ARG B 887 7.39 22.19 -20.83
CA ARG B 887 6.76 21.04 -21.44
C ARG B 887 7.83 20.06 -21.88
N ASN B 888 7.41 18.80 -22.06
CA ASN B 888 8.30 17.72 -22.52
C ASN B 888 9.52 17.59 -21.60
N GLN B 889 9.27 17.63 -20.27
CA GLN B 889 10.34 17.45 -19.30
C GLN B 889 10.46 15.98 -18.90
N PRO B 890 11.68 15.53 -18.61
CA PRO B 890 11.85 14.16 -18.12
C PRO B 890 11.68 14.05 -16.60
N ASN B 891 11.28 12.85 -16.18
CA ASN B 891 11.17 12.48 -14.77
C ASN B 891 10.11 13.27 -14.02
N THR B 892 9.15 13.87 -14.72
CA THR B 892 8.11 14.67 -14.08
C THR B 892 6.86 13.86 -13.78
N ALA B 893 6.33 13.16 -14.79
CA ALA B 893 5.09 12.42 -14.61
C ALA B 893 5.24 11.31 -13.58
N LEU B 894 6.32 10.53 -13.68
CA LEU B 894 6.51 9.41 -12.76
C LEU B 894 6.72 9.91 -11.33
N LEU B 895 7.45 11.02 -11.17
CA LEU B 895 7.62 11.60 -9.84
C LEU B 895 6.30 12.10 -9.28
N SER B 896 5.45 12.69 -10.12
CA SER B 896 4.12 13.11 -9.65
C SER B 896 3.30 11.92 -9.19
N LEU B 897 3.33 10.83 -9.96
CA LEU B 897 2.61 9.63 -9.57
C LEU B 897 3.12 9.08 -8.24
N ILE B 898 4.44 9.06 -8.06
CA ILE B 898 5.03 8.57 -6.83
C ILE B 898 4.61 9.43 -5.64
N LEU B 899 4.63 10.75 -5.82
CA LEU B 899 4.24 11.65 -4.74
C LEU B 899 2.77 11.46 -4.36
N MET B 900 1.89 11.35 -5.35
CA MET B 900 0.48 11.09 -5.08
C MET B 900 0.29 9.80 -4.29
N LEU B 901 0.88 8.71 -4.77
CA LEU B 901 0.68 7.41 -4.12
C LEU B 901 1.27 7.41 -2.71
N GLY B 902 2.44 8.02 -2.54
CA GLY B 902 3.05 8.08 -1.22
C GLY B 902 2.22 8.85 -0.23
N THR B 903 1.70 10.01 -0.64
CA THR B 903 0.85 10.78 0.27
C THR B 903 -0.39 9.99 0.66
N PHE B 904 -1.05 9.38 -0.33
CA PHE B 904 -2.26 8.61 -0.03
C PHE B 904 -1.96 7.46 0.93
N PHE B 905 -0.87 6.73 0.68
CA PHE B 905 -0.58 5.55 1.48
C PHE B 905 -0.15 5.92 2.90
N ILE B 906 0.64 6.99 3.05
CA ILE B 906 1.01 7.42 4.39
C ILE B 906 -0.21 7.85 5.18
N ALA B 907 -1.13 8.59 4.53
CA ALA B 907 -2.35 8.99 5.22
C ALA B 907 -3.18 7.79 5.65
N PHE B 908 -3.34 6.82 4.76
CA PHE B 908 -4.12 5.62 5.09
C PHE B 908 -3.48 4.83 6.23
N PHE B 909 -2.16 4.64 6.17
CA PHE B 909 -1.49 3.86 7.21
C PHE B 909 -1.59 4.57 8.56
N LEU B 910 -1.41 5.89 8.59
CA LEU B 910 -1.52 6.60 9.86
C LEU B 910 -2.94 6.60 10.39
N ARG B 911 -3.94 6.61 9.50
CA ARG B 911 -5.32 6.46 9.95
C ARG B 911 -5.56 5.07 10.56
N LYS B 912 -5.02 4.03 9.92
CA LYS B 912 -5.15 2.68 10.46
C LYS B 912 -4.44 2.53 11.80
N PHE B 913 -3.33 3.26 11.99
CA PHE B 913 -2.54 3.13 13.21
C PHE B 913 -3.31 3.54 14.46
N ARG B 914 -4.44 4.25 14.31
CA ARG B 914 -5.20 4.73 15.47
C ARG B 914 -5.71 3.57 16.32
N ASN B 915 -6.23 2.53 15.70
CA ASN B 915 -6.91 1.44 16.40
C ASN B 915 -5.95 0.33 16.82
N SER B 916 -4.65 0.51 16.63
CA SER B 916 -3.67 -0.49 17.01
C SER B 916 -3.43 -0.44 18.52
N ARG B 917 -2.50 -1.26 18.99
CA ARG B 917 -2.16 -1.32 20.41
C ARG B 917 -0.78 -0.77 20.72
N PHE B 918 -0.04 -0.29 19.73
CA PHE B 918 1.31 0.19 19.94
C PHE B 918 1.29 1.57 20.61
N LEU B 919 2.29 1.79 21.47
CA LEU B 919 2.45 3.04 22.22
C LEU B 919 1.26 3.30 23.14
N GLY B 920 1.30 4.42 23.86
CA GLY B 920 0.22 4.76 24.77
C GLY B 920 -1.01 5.28 24.05
N GLY B 921 -2.08 5.47 24.83
CA GLY B 921 -3.31 5.98 24.26
C GLY B 921 -3.19 7.43 23.81
N LYS B 922 -2.52 8.27 24.61
CA LYS B 922 -2.37 9.67 24.24
C LYS B 922 -1.53 9.83 22.98
N ALA B 923 -0.43 9.08 22.88
CA ALA B 923 0.40 9.14 21.68
C ALA B 923 -0.37 8.65 20.45
N ARG B 924 -1.15 7.58 20.60
CA ARG B 924 -1.96 7.09 19.51
C ARG B 924 -2.96 8.14 19.04
N ARG B 925 -3.65 8.77 20.00
CA ARG B 925 -4.64 9.79 19.65
C ARG B 925 -3.98 10.96 18.94
N ILE B 926 -2.85 11.44 19.46
CA ILE B 926 -2.17 12.60 18.88
C ILE B 926 -1.68 12.28 17.48
N ILE B 927 -1.08 11.10 17.28
CA ILE B 927 -0.55 10.74 15.97
C ILE B 927 -1.68 10.56 14.97
N GLY B 928 -2.79 9.95 15.40
CA GLY B 928 -3.91 9.76 14.49
C GLY B 928 -4.64 11.05 14.15
N ASP B 929 -4.59 12.03 15.05
CA ASP B 929 -5.20 13.32 14.75
C ASP B 929 -4.49 14.03 13.60
N PHE B 930 -3.15 13.96 13.58
CA PHE B 930 -2.34 14.71 12.65
C PHE B 930 -1.78 13.85 11.51
N GLY B 931 -2.54 12.84 11.07
CA GLY B 931 -2.03 11.95 10.04
C GLY B 931 -1.84 12.64 8.70
N ILE B 932 -2.81 13.46 8.30
CA ILE B 932 -2.79 14.12 6.99
C ILE B 932 -1.77 15.26 6.97
N PRO B 933 -1.69 16.13 7.99
CA PRO B 933 -0.57 17.07 8.03
C PRO B 933 0.79 16.41 8.00
N ILE B 934 0.94 15.28 8.68
CA ILE B 934 2.22 14.56 8.68
C ILE B 934 2.52 14.03 7.28
N SER B 935 1.52 13.46 6.61
CA SER B 935 1.73 12.98 5.25
C SER B 935 2.14 14.11 4.32
N ILE B 936 1.44 15.24 4.41
CA ILE B 936 1.74 16.38 3.53
C ILE B 936 3.15 16.90 3.80
N LEU B 937 3.51 17.04 5.07
CA LEU B 937 4.85 17.55 5.40
C LEU B 937 5.94 16.60 4.92
N VAL B 938 5.75 15.29 5.14
CA VAL B 938 6.77 14.32 4.73
C VAL B 938 6.94 14.33 3.21
N MET B 939 5.84 14.35 2.47
CA MET B 939 5.97 14.31 1.01
C MET B 939 6.50 15.63 0.46
N VAL B 940 6.16 16.76 1.08
CA VAL B 940 6.73 18.04 0.67
C VAL B 940 8.23 18.06 0.90
N LEU B 941 8.68 17.53 2.05
CA LEU B 941 10.11 17.45 2.31
C LEU B 941 10.79 16.53 1.31
N VAL B 942 10.17 15.40 0.97
CA VAL B 942 10.75 14.49 -0.01
C VAL B 942 10.90 15.19 -1.36
N ASP B 943 9.87 15.92 -1.78
CA ASP B 943 9.95 16.65 -3.05
C ASP B 943 11.01 17.75 -2.99
N TYR B 944 11.14 18.43 -1.85
CA TYR B 944 12.12 19.50 -1.73
C TYR B 944 13.55 18.97 -1.75
N SER B 945 13.76 17.76 -1.23
CA SER B 945 15.11 17.19 -1.21
C SER B 945 15.65 17.01 -2.63
N ILE B 946 14.80 16.54 -3.54
CA ILE B 946 15.17 16.35 -4.95
C ILE B 946 15.14 17.72 -5.62
N THR B 947 16.29 18.32 -5.84
CA THR B 947 16.36 19.53 -6.66
C THR B 947 17.18 19.21 -7.90
N ASP B 948 16.54 18.49 -8.83
CA ASP B 948 16.97 18.39 -10.23
C ASP B 948 15.82 18.40 -11.22
N THR B 949 14.61 18.05 -10.79
CA THR B 949 13.48 17.80 -11.66
C THR B 949 12.41 18.86 -11.47
N TYR B 950 11.69 19.17 -12.54
CA TYR B 950 10.62 20.14 -12.51
C TYR B 950 9.32 19.48 -12.07
N THR B 951 8.66 20.09 -11.09
CA THR B 951 7.30 19.71 -10.69
C THR B 951 6.46 20.97 -10.61
N GLN B 952 5.18 20.85 -10.93
CA GLN B 952 4.27 21.98 -10.88
C GLN B 952 3.80 22.22 -9.45
N LYS B 953 3.78 23.49 -9.05
CA LYS B 953 3.51 23.86 -7.67
C LYS B 953 2.34 24.82 -7.60
N LEU B 954 1.93 25.13 -6.38
CA LEU B 954 0.79 26.03 -6.17
C LEU B 954 1.15 27.46 -6.54
N THR B 955 0.27 28.10 -7.30
CA THR B 955 0.40 29.51 -7.63
C THR B 955 -0.86 30.25 -7.23
N VAL B 956 -0.70 31.44 -6.67
CA VAL B 956 -1.82 32.27 -6.25
C VAL B 956 -1.58 33.70 -6.74
N PRO B 957 -2.62 34.44 -7.09
CA PRO B 957 -2.41 35.86 -7.44
C PRO B 957 -1.88 36.63 -6.25
N THR B 958 -1.04 37.62 -6.53
CA THR B 958 -0.45 38.44 -5.49
C THR B 958 -1.15 39.79 -5.44
N GLY B 959 -1.44 40.25 -4.22
CA GLY B 959 -2.14 41.51 -4.03
C GLY B 959 -3.65 41.36 -4.18
N LEU B 960 -4.36 42.37 -3.67
CA LEU B 960 -5.81 42.42 -3.73
C LEU B 960 -6.21 43.34 -4.88
N SER B 961 -6.42 42.76 -6.05
CA SER B 961 -6.78 43.53 -7.23
C SER B 961 -7.71 42.71 -8.11
N VAL B 962 -8.54 43.41 -8.88
CA VAL B 962 -9.44 42.75 -9.82
C VAL B 962 -8.63 42.10 -10.94
N THR B 963 -9.16 41.02 -11.50
CA THR B 963 -8.43 40.25 -12.50
C THR B 963 -8.12 41.08 -13.73
N SER B 964 -9.09 41.86 -14.21
CA SER B 964 -8.93 42.72 -15.39
C SER B 964 -9.25 44.15 -14.98
N PRO B 965 -8.27 44.92 -14.50
CA PRO B 965 -8.56 46.27 -14.04
C PRO B 965 -9.02 47.22 -15.13
N ASP B 966 -8.70 46.95 -16.39
CA ASP B 966 -9.11 47.84 -17.47
C ASP B 966 -10.58 47.68 -17.81
N LYS B 967 -11.08 46.44 -17.79
CA LYS B 967 -12.45 46.18 -18.20
C LYS B 967 -13.48 46.59 -17.15
N ARG B 968 -13.15 46.48 -15.87
CA ARG B 968 -14.14 46.69 -14.82
C ARG B 968 -13.45 47.13 -13.53
N SER B 969 -14.26 47.56 -12.59
CA SER B 969 -13.83 47.94 -11.24
C SER B 969 -14.52 47.02 -10.23
N TRP B 970 -14.33 47.32 -8.94
CA TRP B 970 -14.91 46.48 -7.90
C TRP B 970 -16.43 46.66 -7.79
N PHE B 971 -16.94 47.87 -8.02
CA PHE B 971 -18.36 48.15 -7.90
C PHE B 971 -18.98 48.18 -9.30
N ILE B 972 -20.12 47.52 -9.44
CA ILE B 972 -20.83 47.44 -10.72
C ILE B 972 -22.08 48.31 -10.62
N PRO B 973 -22.18 49.40 -11.37
CA PRO B 973 -23.40 50.22 -11.35
C PRO B 973 -24.60 49.44 -11.86
N PRO B 974 -25.72 49.45 -11.12
CA PRO B 974 -26.89 48.68 -11.56
C PRO B 974 -27.65 49.31 -12.72
N LEU B 975 -27.41 50.58 -13.03
CA LEU B 975 -28.12 51.26 -14.11
C LEU B 975 -27.36 51.22 -15.43
N GLY B 976 -26.17 50.66 -15.45
CA GLY B 976 -25.37 50.59 -16.67
C GLY B 976 -24.14 51.48 -16.56
N SER B 977 -23.02 50.97 -17.07
CA SER B 977 -21.76 51.71 -17.05
C SER B 977 -21.50 52.43 -18.37
N ALA B 978 -21.51 51.71 -19.48
CA ALA B 978 -21.29 52.30 -20.79
C ALA B 978 -22.58 52.47 -21.60
N ARG B 979 -23.57 51.60 -21.40
CA ARG B 979 -24.84 51.67 -22.09
C ARG B 979 -25.97 51.62 -21.08
N PRO B 980 -27.12 52.23 -21.40
CA PRO B 980 -28.30 52.06 -20.53
C PRO B 980 -28.76 50.62 -20.54
N PHE B 981 -29.26 50.16 -19.39
CA PHE B 981 -29.77 48.80 -19.29
C PHE B 981 -31.24 48.77 -19.63
N PRO B 982 -31.67 48.00 -20.62
CA PRO B 982 -33.08 47.99 -21.01
C PRO B 982 -33.96 47.43 -19.91
N PRO B 983 -35.11 48.05 -19.67
CA PRO B 983 -35.99 47.59 -18.57
C PRO B 983 -36.56 46.19 -18.80
N TRP B 984 -36.62 45.71 -20.04
CA TRP B 984 -37.19 44.39 -20.27
C TRP B 984 -36.33 43.29 -19.65
N MET B 985 -35.00 43.43 -19.73
CA MET B 985 -34.12 42.53 -18.99
C MET B 985 -34.27 42.73 -17.49
N MET B 986 -34.47 43.98 -17.05
CA MET B 986 -34.70 44.25 -15.64
C MET B 986 -35.88 43.44 -15.11
N VAL B 987 -36.94 43.33 -15.91
CA VAL B 987 -38.12 42.56 -15.49
C VAL B 987 -37.87 41.07 -15.66
N ALA B 988 -37.25 40.66 -16.77
CA ALA B 988 -37.12 39.25 -17.12
C ALA B 988 -35.97 38.54 -16.41
N ALA B 989 -35.21 39.24 -15.58
CA ALA B 989 -34.16 38.55 -14.83
C ALA B 989 -34.70 37.58 -13.75
N ALA B 990 -36.00 37.31 -13.69
CA ALA B 990 -36.53 36.43 -12.65
C ALA B 990 -36.23 34.97 -12.92
N VAL B 991 -36.28 34.54 -14.19
CA VAL B 991 -36.08 33.12 -14.50
C VAL B 991 -34.69 32.64 -14.12
N PRO B 992 -33.59 33.31 -14.50
CA PRO B 992 -32.28 32.86 -13.99
C PRO B 992 -32.18 32.92 -12.48
N ALA B 993 -32.84 33.88 -11.84
CA ALA B 993 -32.89 33.90 -10.39
C ALA B 993 -33.61 32.66 -9.86
N LEU B 994 -34.68 32.24 -10.54
CA LEU B 994 -35.37 31.01 -10.14
C LEU B 994 -34.46 29.81 -10.27
N LEU B 995 -33.70 29.71 -11.36
CA LEU B 995 -32.78 28.59 -11.53
C LEU B 995 -31.72 28.57 -10.44
N VAL B 996 -31.14 29.74 -10.15
CA VAL B 996 -30.12 29.83 -9.10
C VAL B 996 -30.72 29.45 -7.75
N LEU B 997 -31.94 29.91 -7.46
CA LEU B 997 -32.60 29.57 -6.21
C LEU B 997 -32.80 28.07 -6.09
N ILE B 998 -33.26 27.42 -7.18
CA ILE B 998 -33.47 25.97 -7.14
C ILE B 998 -32.16 25.25 -6.87
N LEU B 999 -31.09 25.66 -7.58
CA LEU B 999 -29.79 25.02 -7.41
C LEU B 999 -29.30 25.14 -5.97
N ILE B 1000 -29.25 26.38 -5.46
CA ILE B 1000 -28.73 26.62 -4.12
C ILE B 1000 -29.57 25.90 -3.07
N PHE B 1001 -30.89 26.00 -3.19
CA PHE B 1001 -31.78 25.34 -2.23
C PHE B 1001 -31.54 23.85 -2.21
N MET B 1002 -31.56 23.20 -3.37
CA MET B 1002 -31.41 21.75 -3.39
C MET B 1002 -30.07 21.33 -2.81
N GLU B 1003 -28.98 22.01 -3.21
CA GLU B 1003 -27.66 21.59 -2.75
C GLU B 1003 -27.50 21.79 -1.25
N THR B 1004 -27.83 22.99 -0.76
CA THR B 1004 -27.66 23.29 0.66
C THR B 1004 -28.55 22.41 1.53
N GLN B 1005 -29.81 22.21 1.11
CA GLN B 1005 -30.72 21.41 1.93
C GLN B 1005 -30.31 19.95 1.96
N ILE B 1006 -29.87 19.39 0.83
CA ILE B 1006 -29.43 18.01 0.84
C ILE B 1006 -28.18 17.85 1.70
N THR B 1007 -27.24 18.81 1.62
CA THR B 1007 -26.06 18.73 2.46
C THR B 1007 -26.42 18.81 3.94
N ALA B 1008 -27.34 19.70 4.29
CA ALA B 1008 -27.76 19.83 5.69
C ALA B 1008 -28.47 18.57 6.17
N LEU B 1009 -29.26 17.94 5.30
CA LEU B 1009 -29.89 16.67 5.66
C LEU B 1009 -28.86 15.60 5.93
N ILE B 1010 -27.86 15.48 5.04
CA ILE B 1010 -26.84 14.44 5.20
C ILE B 1010 -26.02 14.66 6.47
N VAL B 1011 -25.65 15.92 6.74
CA VAL B 1011 -24.77 16.20 7.87
C VAL B 1011 -25.46 15.87 9.19
N SER B 1012 -26.74 16.20 9.32
CA SER B 1012 -27.46 16.11 10.59
C SER B 1012 -28.16 14.77 10.78
N GLN B 1013 -27.63 13.69 10.22
CA GLN B 1013 -28.23 12.37 10.41
C GLN B 1013 -28.10 11.93 11.86
N LYS B 1014 -29.01 11.04 12.27
CA LYS B 1014 -29.08 10.64 13.67
C LYS B 1014 -27.88 9.79 14.09
N ALA B 1015 -27.32 9.01 13.15
CA ALA B 1015 -26.18 8.16 13.48
C ALA B 1015 -24.90 8.95 13.74
N ARG B 1016 -24.84 10.21 13.31
CA ARG B 1016 -23.63 11.00 13.42
C ARG B 1016 -23.54 11.76 14.74
N ARG B 1017 -24.56 11.67 15.60
CA ARG B 1017 -24.54 12.26 16.94
C ARG B 1017 -24.38 13.78 16.89
N LEU B 1018 -25.37 14.44 16.30
CA LEU B 1018 -25.45 15.89 16.28
C LEU B 1018 -26.37 16.33 17.41
N LEU B 1019 -25.88 17.23 18.27
CA LEU B 1019 -26.55 17.55 19.52
C LEU B 1019 -27.03 18.98 19.62
N LYS B 1020 -26.14 19.96 19.38
CA LYS B 1020 -26.48 21.36 19.66
C LYS B 1020 -27.67 21.84 18.86
N GLY B 1021 -27.98 21.22 17.73
CA GLY B 1021 -29.12 21.62 16.94
C GLY B 1021 -28.83 21.68 15.46
N SER B 1022 -29.85 21.99 14.66
CA SER B 1022 -29.72 22.04 13.21
C SER B 1022 -30.46 23.27 12.70
N GLY B 1023 -30.04 23.77 11.55
CA GLY B 1023 -30.65 24.93 10.96
C GLY B 1023 -31.15 24.69 9.55
N PHE B 1024 -32.47 24.75 9.36
CA PHE B 1024 -33.08 24.57 8.05
C PHE B 1024 -33.70 25.85 7.51
N HIS B 1025 -33.89 26.86 8.35
CA HIS B 1025 -34.46 28.14 7.94
C HIS B 1025 -33.46 29.28 7.94
N LEU B 1026 -32.55 29.31 8.92
CA LEU B 1026 -31.60 30.41 9.01
C LEU B 1026 -30.50 30.28 7.94
N ASP B 1027 -30.01 29.06 7.72
CA ASP B 1027 -28.91 28.87 6.78
C ASP B 1027 -29.32 29.24 5.36
N LEU B 1028 -30.52 28.83 4.95
CA LEU B 1028 -31.00 29.15 3.61
C LEU B 1028 -31.14 30.65 3.42
N LEU B 1029 -31.71 31.35 4.41
CA LEU B 1029 -31.85 32.79 4.30
C LEU B 1029 -30.49 33.48 4.23
N LEU B 1030 -29.56 33.05 5.08
CA LEU B 1030 -28.22 33.64 5.07
C LEU B 1030 -27.56 33.46 3.72
N ILE B 1031 -27.54 32.23 3.20
CA ILE B 1031 -26.86 31.96 1.94
C ILE B 1031 -27.52 32.72 0.80
N GLY B 1032 -28.85 32.70 0.75
CA GLY B 1032 -29.54 33.39 -0.34
C GLY B 1032 -29.31 34.90 -0.32
N SER B 1033 -29.41 35.52 0.85
CA SER B 1033 -29.21 36.95 0.95
C SER B 1033 -27.78 37.35 0.60
N LEU B 1034 -26.80 36.60 1.12
CA LEU B 1034 -25.41 36.92 0.83
C LEU B 1034 -25.10 36.73 -0.66
N GLY B 1035 -25.62 35.66 -1.26
CA GLY B 1035 -25.41 35.47 -2.69
C GLY B 1035 -26.04 36.57 -3.52
N GLY B 1036 -27.27 36.97 -3.17
CA GLY B 1036 -27.91 38.05 -3.89
C GLY B 1036 -27.16 39.36 -3.77
N LEU B 1037 -26.66 39.67 -2.57
CA LEU B 1037 -25.88 40.89 -2.38
C LEU B 1037 -24.53 40.82 -3.06
N CYS B 1038 -23.99 39.61 -3.29
CA CYS B 1038 -22.70 39.48 -3.95
C CYS B 1038 -22.72 39.97 -5.39
N GLY B 1039 -23.89 39.98 -6.03
CA GLY B 1039 -23.96 40.38 -7.43
C GLY B 1039 -23.55 41.81 -7.68
N LEU B 1040 -23.84 42.71 -6.73
CA LEU B 1040 -23.52 44.12 -6.91
C LEU B 1040 -22.02 44.37 -7.05
N PHE B 1041 -21.18 43.48 -6.52
CA PHE B 1041 -19.73 43.63 -6.56
C PHE B 1041 -19.07 42.70 -7.56
N GLY B 1042 -19.85 42.06 -8.44
CA GLY B 1042 -19.28 41.17 -9.44
C GLY B 1042 -18.60 39.95 -8.87
N LEU B 1043 -19.11 39.40 -7.78
CA LEU B 1043 -18.55 38.21 -7.17
C LEU B 1043 -19.46 37.01 -7.40
N PRO B 1044 -18.91 35.81 -7.55
CA PRO B 1044 -19.74 34.64 -7.84
C PRO B 1044 -20.56 34.20 -6.64
N TRP B 1045 -21.65 33.50 -6.93
CA TRP B 1045 -22.51 32.95 -5.89
C TRP B 1045 -21.89 31.68 -5.30
N LEU B 1046 -22.20 31.42 -4.03
CA LEU B 1046 -21.67 30.27 -3.33
C LEU B 1046 -22.80 29.40 -2.80
N THR B 1047 -22.45 28.17 -2.46
CA THR B 1047 -23.40 27.22 -1.88
C THR B 1047 -22.64 26.33 -0.90
N ALA B 1048 -23.38 25.47 -0.21
CA ALA B 1048 -22.76 24.51 0.69
C ALA B 1048 -22.07 23.41 -0.11
N ALA B 1049 -20.91 22.96 0.38
CA ALA B 1049 -20.13 21.92 -0.28
C ALA B 1049 -20.34 20.60 0.44
N THR B 1050 -20.64 19.55 -0.32
CA THR B 1050 -20.98 18.27 0.28
C THR B 1050 -19.75 17.54 0.82
N VAL B 1051 -18.77 17.29 -0.05
CA VAL B 1051 -17.58 16.55 0.35
C VAL B 1051 -16.80 17.32 1.41
N ARG B 1052 -16.67 18.63 1.24
CA ARG B 1052 -15.91 19.43 2.20
C ARG B 1052 -16.58 19.45 3.57
N SER B 1053 -17.91 19.61 3.61
CA SER B 1053 -18.61 19.61 4.90
C SER B 1053 -18.59 18.23 5.55
N VAL B 1054 -18.74 17.18 4.76
CA VAL B 1054 -18.68 15.82 5.32
C VAL B 1054 -17.30 15.55 5.89
N THR B 1055 -16.25 15.96 5.18
CA THR B 1055 -14.89 15.78 5.69
C THR B 1055 -14.65 16.63 6.93
N HIS B 1056 -15.21 17.83 6.98
CA HIS B 1056 -15.08 18.68 8.16
C HIS B 1056 -15.73 18.04 9.38
N VAL B 1057 -16.91 17.45 9.19
CA VAL B 1057 -17.58 16.76 10.30
C VAL B 1057 -16.79 15.52 10.71
N ASN B 1058 -16.28 14.76 9.73
CA ASN B 1058 -15.52 13.55 10.04
C ASN B 1058 -14.25 13.88 10.82
N ALA B 1059 -13.60 15.00 10.50
CA ALA B 1059 -12.34 15.35 11.15
C ALA B 1059 -12.53 15.71 12.62
N LEU B 1060 -13.73 16.10 13.03
CA LEU B 1060 -13.99 16.51 14.41
C LEU B 1060 -14.71 15.44 15.22
N THR B 1061 -14.89 14.24 14.67
CA THR B 1061 -15.57 13.18 15.38
C THR B 1061 -14.63 12.49 16.36
N VAL B 1062 -15.09 12.32 17.60
CA VAL B 1062 -14.31 11.68 18.65
C VAL B 1062 -14.86 10.28 18.86
N MET B 1063 -13.97 9.28 18.82
CA MET B 1063 -14.35 7.89 19.00
C MET B 1063 -13.99 7.42 20.41
N ARG B 1064 -14.73 6.42 20.89
CA ARG B 1064 -14.54 5.93 22.24
C ARG B 1064 -13.20 5.23 22.37
N THR B 1065 -12.44 5.59 23.41
CA THR B 1065 -11.13 4.99 23.62
C THR B 1065 -11.23 3.55 24.09
N ALA B 1066 -12.35 3.17 24.70
CA ALA B 1066 -12.56 1.79 25.15
C ALA B 1066 -13.04 0.95 23.97
N ILE B 1067 -12.11 0.70 23.05
CA ILE B 1067 -12.41 -0.03 21.83
C ILE B 1067 -12.54 -1.52 22.17
N ALA B 1068 -13.67 -2.10 21.85
CA ALA B 1068 -13.87 -3.52 22.08
C ALA B 1068 -12.97 -4.34 21.14
N PRO B 1069 -12.33 -5.39 21.64
CA PRO B 1069 -11.44 -6.18 20.78
C PRO B 1069 -12.20 -6.83 19.64
N GLY B 1070 -11.67 -6.69 18.43
CA GLY B 1070 -12.30 -7.25 17.25
C GLY B 1070 -13.68 -6.68 16.98
N ASP B 1071 -13.88 -5.40 17.24
CA ASP B 1071 -15.17 -4.77 17.06
C ASP B 1071 -14.98 -3.36 16.49
N LYS B 1072 -15.99 -2.89 15.77
CA LYS B 1072 -15.93 -1.56 15.18
C LYS B 1072 -16.01 -0.49 16.27
N PRO B 1073 -15.20 0.56 16.18
CA PRO B 1073 -15.27 1.63 17.18
C PRO B 1073 -16.59 2.37 17.13
N GLN B 1074 -16.97 2.94 18.27
CA GLN B 1074 -18.23 3.65 18.44
C GLN B 1074 -17.97 5.15 18.55
N ILE B 1075 -18.85 5.94 17.93
CA ILE B 1075 -18.73 7.39 18.01
C ILE B 1075 -19.07 7.86 19.41
N GLN B 1076 -18.17 8.62 20.02
CA GLN B 1076 -18.41 9.16 21.36
C GLN B 1076 -19.10 10.52 21.30
N GLU B 1077 -18.54 11.46 20.55
CA GLU B 1077 -19.12 12.80 20.45
C GLU B 1077 -18.60 13.46 19.18
N VAL B 1078 -19.27 14.53 18.79
CA VAL B 1078 -18.83 15.41 17.72
C VAL B 1078 -18.71 16.81 18.29
N ARG B 1079 -17.56 17.46 18.07
CA ARG B 1079 -17.28 18.75 18.67
C ARG B 1079 -17.93 19.84 17.83
N GLU B 1080 -18.95 20.48 18.38
CA GLU B 1080 -19.69 21.53 17.69
C GLU B 1080 -19.18 22.89 18.17
N GLN B 1081 -18.70 23.70 17.23
CA GLN B 1081 -18.11 25.00 17.56
C GLN B 1081 -18.07 25.84 16.29
N ARG B 1082 -17.70 27.11 16.47
CA ARG B 1082 -17.69 28.08 15.39
C ARG B 1082 -16.32 28.59 15.02
N VAL B 1083 -15.26 28.15 15.71
CA VAL B 1083 -13.93 28.70 15.47
C VAL B 1083 -13.31 28.13 14.20
N THR B 1084 -13.55 26.84 13.93
CA THR B 1084 -12.88 26.19 12.80
C THR B 1084 -13.28 26.82 11.47
N GLY B 1085 -14.58 27.07 11.27
CA GLY B 1085 -15.02 27.65 10.02
C GLY B 1085 -14.50 29.06 9.82
N VAL B 1086 -14.52 29.88 10.87
CA VAL B 1086 -13.99 31.24 10.79
C VAL B 1086 -12.51 31.20 10.44
N LEU B 1087 -11.75 30.32 11.10
CA LEU B 1087 -10.32 30.23 10.84
C LEU B 1087 -10.04 29.75 9.41
N ILE B 1088 -10.82 28.78 8.92
CA ILE B 1088 -10.61 28.27 7.57
C ILE B 1088 -10.89 29.37 6.54
N ALA B 1089 -11.99 30.09 6.72
CA ALA B 1089 -12.32 31.16 5.79
C ALA B 1089 -11.29 32.29 5.84
N SER B 1090 -10.83 32.64 7.04
CA SER B 1090 -9.81 33.68 7.17
C SER B 1090 -8.51 33.27 6.51
N LEU B 1091 -8.11 32.00 6.66
CA LEU B 1091 -6.89 31.53 6.01
C LEU B 1091 -7.05 31.52 4.49
N VAL B 1092 -8.22 31.12 4.00
CA VAL B 1092 -8.45 31.15 2.56
C VAL B 1092 -8.35 32.57 2.03
N GLY B 1093 -8.90 33.53 2.76
CA GLY B 1093 -8.79 34.93 2.35
C GLY B 1093 -7.36 35.45 2.41
N LEU B 1094 -6.63 35.10 3.46
CA LEU B 1094 -5.28 35.61 3.69
C LEU B 1094 -4.23 34.89 2.85
N SER B 1095 -4.58 33.80 2.17
CA SER B 1095 -3.63 33.10 1.32
C SER B 1095 -3.08 33.97 0.18
N ILE B 1096 -3.67 35.14 -0.06
CA ILE B 1096 -3.18 36.02 -1.12
C ILE B 1096 -1.78 36.53 -0.80
N VAL B 1097 -1.51 36.84 0.46
CA VAL B 1097 -0.22 37.43 0.85
C VAL B 1097 0.76 36.38 1.32
N MET B 1098 0.40 35.10 1.19
CA MET B 1098 1.26 34.00 1.63
C MET B 1098 1.70 33.12 0.47
N GLY B 1099 1.96 33.72 -0.69
CA GLY B 1099 2.34 32.94 -1.84
C GLY B 1099 3.72 32.33 -1.75
N ALA B 1100 4.62 32.94 -0.97
CA ALA B 1100 5.99 32.44 -0.86
C ALA B 1100 6.02 31.04 -0.27
N VAL B 1101 5.25 30.80 0.80
CA VAL B 1101 5.18 29.47 1.38
C VAL B 1101 4.42 28.52 0.45
N LEU B 1102 3.34 29.00 -0.16
CA LEU B 1102 2.51 28.15 -1.00
C LEU B 1102 3.22 27.69 -2.27
N ARG B 1103 4.25 28.41 -2.71
CA ARG B 1103 4.95 28.05 -3.93
C ARG B 1103 5.88 26.85 -3.76
N ARG B 1104 6.04 26.33 -2.54
CA ARG B 1104 6.89 25.18 -2.29
C ARG B 1104 6.10 23.88 -2.14
N ILE B 1105 4.80 23.90 -2.41
CA ILE B 1105 3.93 22.75 -2.22
C ILE B 1105 3.54 22.21 -3.59
N PRO B 1106 4.00 21.02 -3.97
CA PRO B 1106 3.58 20.44 -5.25
C PRO B 1106 2.12 20.02 -5.23
N LEU B 1107 1.55 19.91 -6.43
CA LEU B 1107 0.14 19.58 -6.57
C LEU B 1107 -0.16 18.10 -6.43
N ALA B 1108 0.85 17.23 -6.55
CA ALA B 1108 0.60 15.79 -6.44
C ALA B 1108 0.26 15.37 -5.01
N VAL B 1109 0.85 16.05 -4.02
CA VAL B 1109 0.46 15.82 -2.63
C VAL B 1109 -1.01 16.15 -2.44
N LEU B 1110 -1.47 17.27 -3.01
CA LEU B 1110 -2.88 17.61 -2.94
C LEU B 1110 -3.73 16.60 -3.69
N PHE B 1111 -3.21 16.03 -4.78
CA PHE B 1111 -3.96 15.01 -5.50
C PHE B 1111 -4.17 13.78 -4.60
N GLY B 1112 -3.12 13.37 -3.88
CA GLY B 1112 -3.26 12.26 -2.94
C GLY B 1112 -4.22 12.57 -1.81
N ILE B 1113 -4.19 13.80 -1.31
CA ILE B 1113 -5.13 14.23 -0.27
C ILE B 1113 -6.56 14.16 -0.79
N PHE B 1114 -6.78 14.60 -2.03
CA PHE B 1114 -8.12 14.53 -2.61
C PHE B 1114 -8.58 13.10 -2.77
N LEU B 1115 -7.68 12.21 -3.18
CA LEU B 1115 -8.04 10.80 -3.28
C LEU B 1115 -8.43 10.23 -1.92
N TYR B 1116 -7.67 10.57 -0.87
CA TYR B 1116 -8.02 10.13 0.47
C TYR B 1116 -9.40 10.65 0.89
N MET B 1117 -9.67 11.93 0.63
CA MET B 1117 -10.96 12.51 0.99
C MET B 1117 -12.09 11.83 0.26
N GLY B 1118 -11.93 11.60 -1.04
CA GLY B 1118 -12.98 10.95 -1.81
C GLY B 1118 -13.23 9.52 -1.40
N VAL B 1119 -12.17 8.78 -1.08
CA VAL B 1119 -12.34 7.40 -0.64
C VAL B 1119 -13.02 7.37 0.73
N THR B 1120 -12.62 8.25 1.64
CA THR B 1120 -13.23 8.29 2.97
C THR B 1120 -14.70 8.70 2.89
N SER B 1121 -15.06 9.58 1.96
CA SER B 1121 -16.43 10.08 1.89
C SER B 1121 -17.43 8.99 1.51
N LEU B 1122 -16.98 7.95 0.81
CA LEU B 1122 -17.87 6.91 0.30
C LEU B 1122 -18.16 5.81 1.31
N SER B 1123 -17.55 5.86 2.49
CA SER B 1123 -17.73 4.80 3.48
C SER B 1123 -18.88 5.07 4.44
N GLY B 1124 -19.52 6.24 4.37
CA GLY B 1124 -20.61 6.57 5.26
C GLY B 1124 -21.98 6.44 4.65
N ILE B 1125 -22.06 5.76 3.51
CA ILE B 1125 -23.30 5.63 2.74
C ILE B 1125 -23.76 4.18 2.80
N GLN B 1126 -25.05 3.97 3.06
CA GLN B 1126 -25.60 2.62 3.12
C GLN B 1126 -25.56 1.93 1.76
N LEU B 1127 -25.61 2.71 0.67
CA LEU B 1127 -25.49 2.13 -0.67
C LEU B 1127 -24.15 1.44 -0.85
N SER B 1128 -23.10 1.95 -0.21
CA SER B 1128 -21.79 1.31 -0.31
C SER B 1128 -21.82 -0.09 0.29
N GLN B 1129 -22.40 -0.23 1.48
CA GLN B 1129 -22.50 -1.54 2.11
C GLN B 1129 -23.41 -2.48 1.31
N ARG B 1130 -24.54 -1.96 0.83
CA ARG B 1130 -25.44 -2.79 0.04
C ARG B 1130 -24.84 -3.15 -1.33
N LEU B 1131 -23.85 -2.40 -1.80
CA LEU B 1131 -23.14 -2.75 -3.02
C LEU B 1131 -22.03 -3.75 -2.75
N LEU B 1132 -21.40 -3.67 -1.59
CA LEU B 1132 -20.43 -4.69 -1.18
C LEU B 1132 -21.12 -6.04 -0.96
N LEU B 1133 -22.36 -6.02 -0.47
CA LEU B 1133 -23.08 -7.26 -0.18
C LEU B 1133 -23.35 -8.09 -1.44
N ILE B 1134 -23.28 -7.49 -2.63
CA ILE B 1134 -23.52 -8.25 -3.85
C ILE B 1134 -22.43 -9.29 -4.06
N LEU B 1135 -21.16 -8.92 -3.80
CA LEU B 1135 -20.06 -9.83 -4.05
C LEU B 1135 -20.06 -11.01 -3.08
N MET B 1136 -20.39 -10.76 -1.82
CA MET B 1136 -20.30 -11.79 -0.80
C MET B 1136 -21.45 -12.80 -0.97
N PRO B 1137 -21.22 -14.06 -0.59
CA PRO B 1137 -22.30 -15.05 -0.62
C PRO B 1137 -23.39 -14.74 0.41
N ALA B 1138 -24.58 -15.25 0.13
CA ALA B 1138 -25.76 -14.90 0.92
C ALA B 1138 -25.68 -15.39 2.36
N LYS B 1139 -24.80 -16.34 2.65
CA LYS B 1139 -24.69 -16.88 4.01
C LYS B 1139 -23.76 -16.07 4.89
N HIS B 1140 -23.12 -15.03 4.35
CA HIS B 1140 -22.18 -14.21 5.11
C HIS B 1140 -22.70 -12.80 5.36
N HIS B 1141 -23.93 -12.50 4.98
CA HIS B 1141 -24.46 -11.16 5.13
C HIS B 1141 -24.70 -10.83 6.60
N PRO B 1142 -24.43 -9.59 7.03
CA PRO B 1142 -24.67 -9.21 8.43
C PRO B 1142 -26.14 -9.20 8.80
N GLU B 1143 -26.45 -8.81 10.04
CA GLU B 1143 -27.80 -8.82 10.58
C GLU B 1143 -28.49 -7.47 10.46
N GLN B 1144 -28.20 -6.71 9.40
CA GLN B 1144 -28.86 -5.44 9.19
C GLN B 1144 -30.34 -5.65 8.86
N PRO B 1145 -31.20 -4.68 9.20
CA PRO B 1145 -32.65 -4.88 9.00
C PRO B 1145 -33.04 -5.10 7.55
N TYR B 1146 -32.25 -4.66 6.58
CA TYR B 1146 -32.58 -4.87 5.18
C TYR B 1146 -32.14 -6.24 4.68
N VAL B 1147 -31.51 -7.05 5.53
CA VAL B 1147 -31.10 -8.41 5.18
C VAL B 1147 -32.08 -9.44 5.72
N THR B 1148 -32.46 -9.32 6.99
CA THR B 1148 -33.32 -10.32 7.61
C THR B 1148 -34.76 -10.21 7.13
N LYS B 1149 -35.28 -8.98 7.04
CA LYS B 1149 -36.69 -8.77 6.73
C LYS B 1149 -36.98 -8.69 5.23
N VAL B 1150 -35.95 -8.75 4.39
CA VAL B 1150 -36.11 -8.68 2.94
C VAL B 1150 -35.41 -9.87 2.32
N LYS B 1151 -36.00 -10.45 1.28
CA LYS B 1151 -35.35 -11.51 0.55
C LYS B 1151 -34.11 -10.97 -0.15
N THR B 1152 -33.13 -11.86 -0.37
CA THR B 1152 -31.85 -11.44 -0.94
C THR B 1152 -32.03 -10.87 -2.35
N TRP B 1153 -32.89 -11.49 -3.16
CA TRP B 1153 -33.09 -11.03 -4.53
C TRP B 1153 -33.92 -9.75 -4.58
N ARG B 1154 -34.78 -9.52 -3.58
CA ARG B 1154 -35.60 -8.32 -3.56
C ARG B 1154 -34.84 -7.09 -3.05
N MET B 1155 -33.69 -7.28 -2.40
CA MET B 1155 -32.87 -6.16 -1.97
C MET B 1155 -31.89 -5.72 -3.03
N HIS B 1156 -31.43 -6.65 -3.87
CA HIS B 1156 -30.53 -6.28 -4.97
C HIS B 1156 -31.22 -5.44 -6.04
N LEU B 1157 -32.55 -5.51 -6.13
CA LEU B 1157 -33.26 -4.71 -7.12
C LEU B 1157 -33.29 -3.23 -6.72
N PHE B 1158 -33.40 -2.95 -5.43
CA PHE B 1158 -33.34 -1.57 -4.95
C PHE B 1158 -32.00 -0.95 -5.27
N THR B 1159 -30.91 -1.70 -5.04
CA THR B 1159 -29.57 -1.22 -5.37
C THR B 1159 -29.43 -0.98 -6.88
N CYS B 1160 -30.01 -1.87 -7.69
CA CYS B 1160 -29.95 -1.69 -9.13
C CYS B 1160 -30.70 -0.43 -9.56
N ILE B 1161 -31.85 -0.16 -8.94
CA ILE B 1161 -32.60 1.04 -9.27
C ILE B 1161 -31.79 2.30 -8.91
N GLN B 1162 -31.18 2.30 -7.72
CA GLN B 1162 -30.38 3.43 -7.32
C GLN B 1162 -29.19 3.63 -8.25
N LEU B 1163 -28.53 2.54 -8.65
CA LEU B 1163 -27.39 2.65 -9.55
C LEU B 1163 -27.82 3.15 -10.92
N GLY B 1164 -28.97 2.71 -11.41
CA GLY B 1164 -29.47 3.22 -12.67
C GLY B 1164 -29.77 4.70 -12.62
N CYS B 1165 -30.34 5.16 -11.51
CA CYS B 1165 -30.59 6.60 -11.35
C CYS B 1165 -29.28 7.38 -11.33
N ILE B 1166 -28.27 6.87 -10.62
CA ILE B 1166 -26.97 7.55 -10.57
C ILE B 1166 -26.34 7.61 -11.95
N ALA B 1167 -26.38 6.50 -12.68
CA ALA B 1167 -25.79 6.47 -14.02
C ALA B 1167 -26.51 7.43 -14.96
N LEU B 1168 -27.84 7.47 -14.90
CA LEU B 1168 -28.59 8.40 -15.75
C LEU B 1168 -28.24 9.84 -15.41
N LEU B 1169 -28.10 10.15 -14.12
CA LEU B 1169 -27.73 11.52 -13.73
C LEU B 1169 -26.35 11.89 -14.25
N TRP B 1170 -25.38 10.98 -14.14
CA TRP B 1170 -24.04 11.27 -14.65
C TRP B 1170 -24.07 11.45 -16.17
N VAL B 1171 -24.82 10.60 -16.87
CA VAL B 1171 -24.91 10.72 -18.34
C VAL B 1171 -25.51 12.07 -18.72
N VAL B 1172 -26.57 12.48 -18.03
CA VAL B 1172 -27.20 13.77 -18.31
C VAL B 1172 -26.23 14.90 -18.03
N LYS B 1173 -25.40 15.00 -17.06
CA LYS B 1173 -24.54 16.18 -16.90
C LYS B 1173 -23.37 16.04 -17.81
N SER B 1174 -23.03 14.84 -18.26
CA SER B 1174 -21.92 14.86 -19.21
C SER B 1174 -22.26 15.66 -20.47
N THR B 1175 -23.50 15.55 -20.95
CA THR B 1175 -23.88 16.18 -22.21
C THR B 1175 -24.12 17.68 -22.02
N ALA B 1176 -24.66 18.32 -23.06
CA ALA B 1176 -24.87 19.76 -23.07
C ALA B 1176 -26.15 20.18 -22.37
N ALA B 1177 -26.99 19.23 -21.96
CA ALA B 1177 -28.20 19.53 -21.20
C ALA B 1177 -27.98 19.47 -19.70
N SER B 1178 -26.77 19.76 -19.23
CA SER B 1178 -26.44 19.68 -17.82
C SER B 1178 -27.15 20.73 -16.98
N LEU B 1179 -27.75 21.74 -17.62
CA LEU B 1179 -28.49 22.76 -16.87
C LEU B 1179 -29.78 22.22 -16.27
N ALA B 1180 -30.22 21.04 -16.70
CA ALA B 1180 -31.45 20.42 -16.19
C ALA B 1180 -31.18 19.33 -15.17
N PHE B 1181 -29.93 19.22 -14.68
CA PHE B 1181 -29.62 18.22 -13.66
C PHE B 1181 -30.41 18.39 -12.38
N PRO B 1182 -30.54 19.60 -11.80
CA PRO B 1182 -31.31 19.71 -10.55
C PRO B 1182 -32.75 19.25 -10.67
N PHE B 1183 -33.41 19.55 -11.79
CA PHE B 1183 -34.78 19.10 -11.99
C PHE B 1183 -34.85 17.58 -12.02
N LEU B 1184 -33.90 16.95 -12.72
CA LEU B 1184 -33.87 15.49 -12.77
C LEU B 1184 -33.63 14.90 -11.38
N LEU B 1185 -32.78 15.54 -10.58
CA LEU B 1185 -32.54 15.04 -9.22
C LEU B 1185 -33.78 15.16 -8.35
N LEU B 1186 -34.46 16.32 -8.39
CA LEU B 1186 -35.70 16.46 -7.63
C LEU B 1186 -36.80 15.54 -8.15
N LEU B 1187 -36.71 15.08 -9.40
CA LEU B 1187 -37.72 14.18 -9.93
C LEU B 1187 -37.72 12.81 -9.24
N THR B 1188 -36.71 12.50 -8.43
CA THR B 1188 -36.62 11.20 -7.77
C THR B 1188 -37.52 11.10 -6.55
N VAL B 1189 -38.14 12.18 -6.11
CA VAL B 1189 -39.05 12.13 -4.96
C VAL B 1189 -40.42 11.60 -5.40
N PRO B 1190 -41.00 12.08 -6.51
CA PRO B 1190 -42.20 11.40 -7.01
C PRO B 1190 -41.96 9.93 -7.34
N LEU B 1191 -40.77 9.57 -7.79
CA LEU B 1191 -40.47 8.17 -8.10
C LEU B 1191 -40.57 7.31 -6.84
N ARG B 1192 -40.05 7.81 -5.72
CA ARG B 1192 -40.09 7.04 -4.47
C ARG B 1192 -41.46 7.08 -3.82
N HIS B 1193 -42.19 8.18 -3.95
CA HIS B 1193 -43.46 8.34 -3.23
C HIS B 1193 -44.68 7.97 -4.06
N CYS B 1194 -44.51 7.59 -5.34
CA CYS B 1194 -45.67 7.26 -6.15
C CYS B 1194 -45.54 5.91 -6.86
N LEU B 1195 -44.32 5.56 -7.26
CA LEU B 1195 -44.10 4.34 -8.04
C LEU B 1195 -43.49 3.21 -7.22
N LEU B 1196 -42.59 3.52 -6.29
CA LEU B 1196 -41.97 2.46 -5.49
C LEU B 1196 -42.96 1.66 -4.65
N PRO B 1197 -43.95 2.25 -3.97
CA PRO B 1197 -44.92 1.42 -3.24
C PRO B 1197 -45.73 0.49 -4.11
N ARG B 1198 -45.85 0.77 -5.42
CA ARG B 1198 -46.57 -0.11 -6.31
C ARG B 1198 -45.86 -1.44 -6.54
N LEU B 1199 -44.55 -1.49 -6.33
CA LEU B 1199 -43.77 -2.70 -6.51
C LEU B 1199 -43.42 -3.39 -5.20
N PHE B 1200 -42.84 -2.64 -4.26
CA PHE B 1200 -42.45 -3.19 -2.97
C PHE B 1200 -43.60 -3.05 -1.97
N GLN B 1201 -43.48 -3.81 -0.88
CA GLN B 1201 -44.46 -3.76 0.19
C GLN B 1201 -44.05 -2.70 1.22
N ASP B 1202 -44.98 -2.40 2.13
CA ASP B 1202 -44.72 -1.39 3.15
C ASP B 1202 -43.57 -1.80 4.07
N ARG B 1203 -43.53 -3.07 4.46
CA ARG B 1203 -42.44 -3.53 5.32
C ARG B 1203 -41.10 -3.48 4.58
N GLU B 1204 -41.09 -3.89 3.31
CA GLU B 1204 -39.85 -3.86 2.54
C GLU B 1204 -39.35 -2.44 2.37
N LEU B 1205 -40.25 -1.49 2.09
CA LEU B 1205 -39.84 -0.11 1.92
C LEU B 1205 -39.38 0.49 3.24
N GLN B 1206 -40.05 0.14 4.34
CA GLN B 1206 -39.66 0.66 5.65
C GLN B 1206 -38.28 0.16 6.06
N ALA B 1207 -37.99 -1.12 5.78
CA ALA B 1207 -36.69 -1.67 6.14
C ALA B 1207 -35.58 -1.20 5.20
N LEU B 1208 -35.87 -1.15 3.90
CA LEU B 1208 -34.83 -0.80 2.92
C LEU B 1208 -34.50 0.69 2.96
N ASP B 1209 -35.51 1.53 3.16
CA ASP B 1209 -35.34 2.98 3.13
C ASP B 1209 -35.51 3.45 4.57
N SER B 1210 -34.41 3.46 5.32
CA SER B 1210 -34.40 3.87 6.71
C SER B 1210 -35.51 3.20 7.52
C BCT C . 19.19 -18.39 1.53
O1 BCT C . 20.17 -19.13 1.67
O2 BCT C . 18.28 -18.34 0.72
O3 BCT C . 19.18 -17.26 2.41
OAE 4KU D . 21.24 -12.54 0.81
SBA 4KU D . 21.64 -13.39 -0.31
OAA 4KU D . 22.46 -14.55 0.08
OAB 4KU D . 20.52 -13.80 -1.15
CAY 4KU D . 22.62 -12.28 -1.34
CAO 4KU D . 21.99 -11.66 -2.40
CAU 4KU D . 22.66 -10.76 -3.27
NAS 4KU D . 21.99 -10.17 -4.33
CAI 4KU D . 20.63 -10.42 -4.69
SAG 4KU D . 20.27 -12.21 -5.13
CAK 4KU D . 23.99 -10.52 -3.03
CAM 4KU D . 24.62 -11.13 -1.95
CAW 4KU D . 23.98 -12.01 -1.08
CAQ 4KU D . 24.69 -12.67 0.08
CAR 4KU D . 25.74 -11.81 0.75
CAX 4KU D . 26.37 -12.52 1.92
CAN 4KU D . 25.61 -13.23 2.84
CAL 4KU D . 26.12 -13.90 3.93
CAV 4KU D . 27.50 -13.85 4.10
NAT 4KU D . 28.19 -14.46 5.14
CAJ 4KU D . 29.61 -14.27 5.14
SAH 4KU D . 30.65 -15.36 6.26
CAP 4KU D . 28.30 -13.13 3.18
CAZ 4KU D . 27.75 -12.47 2.10
SBB 4KU D . 28.82 -11.57 0.97
OAF 4KU D . 28.64 -12.16 -0.37
OAD 4KU D . 28.36 -10.18 1.02
OAC 4KU D . 30.19 -11.74 1.48
C BCT E . -18.01 19.37 -3.06
O1 BCT E . -18.87 20.19 -3.35
O2 BCT E . -16.99 19.41 -2.40
O3 BCT E . -18.12 18.13 -3.78
OAE 4KU F . -14.24 18.97 -7.03
SBA 4KU F . -15.17 18.75 -8.14
OAA 4KU F . -16.35 19.61 -8.02
OAB 4KU F . -15.47 17.34 -8.36
CAY 4KU F . -14.24 19.22 -9.61
CAO 4KU F . -12.85 19.24 -9.53
CAU 4KU F . -12.03 19.59 -10.62
NAS 4KU F . -10.64 19.63 -10.56
CAI 4KU F . -9.81 19.43 -9.41
SAG 4KU F . -10.29 20.44 -7.89
CAK 4KU F . -12.67 19.91 -11.81
CAM 4KU F . -14.05 19.88 -11.89
CAW 4KU F . -14.88 19.53 -10.83
CAQ 4KU F . -16.39 19.51 -10.94
CAR 4KU F . -16.94 19.24 -12.33
CAX 4KU F . -18.44 19.17 -12.31
CAN 4KU F . -19.11 18.66 -11.20
CAL 4KU F . -20.48 18.55 -11.13
CAV 4KU F . -21.22 18.99 -12.22
NAT 4KU F . -22.62 18.92 -12.25
CAJ 4KU F . -23.37 20.06 -12.64
SAH 4KU F . -24.44 19.92 -14.15
CAP 4KU F . -20.57 19.53 -13.35
CAZ 4KU F . -19.19 19.61 -13.40
SBB 4KU F . -18.40 20.29 -14.86
OAF 4KU F . -17.65 21.47 -14.42
OAD 4KU F . -19.48 20.61 -15.78
OAC 4KU F . -17.52 19.23 -15.35
#